data_4WVZ
#
_entry.id   4WVZ
#
_cell.length_a   66.543
_cell.length_b   66.543
_cell.length_c   376.852
_cell.angle_alpha   90.000
_cell.angle_beta   90.000
_cell.angle_gamma   90.000
#
_symmetry.space_group_name_H-M   'P 41 21 2'
#
loop_
_entity.id
_entity.type
_entity.pdbx_description
1 polymer '3-mercaptopropionate dioxygenase'
2 non-polymer 'FE (II) ION'
3 water water
#
_entity_poly.entity_id   1
_entity_poly.type   'polypeptide(L)'
_entity_poly.pdbx_seq_one_letter_code
;MSSILRLDRLRQFIGELATLLDSRPDESTLLAQAHPLLAELVHQDDWLPEDCARPDPQRYQQYLLHVDSRQRFSVVSFVW
GPGQITPVHDHRVWCLIGMLRGAEYSQPYAFDAGGRPHPSGARRRLEPGEVEALSPRIGDVHQVSNAFSDRTSISIHVYG
ANIGAVRRAVFSAEGEEKPFISGYSNSRLPNIWDLSKENPASAWSHPQFEK
;
_entity_poly.pdbx_strand_id   A,B,C,D
#
loop_
_chem_comp.id
_chem_comp.type
_chem_comp.name
_chem_comp.formula
FE2 non-polymer 'FE (II) ION' 'Fe 2'
#
# COMPACT_ATOMS: atom_id res chain seq x y z
N ILE A 4 11.29 3.02 25.25
CA ILE A 4 9.95 2.69 24.79
C ILE A 4 9.67 3.17 23.37
N LEU A 5 10.21 4.32 23.00
CA LEU A 5 10.04 4.88 21.65
C LEU A 5 10.39 3.87 20.57
N ARG A 6 9.53 3.80 19.56
CA ARG A 6 9.75 2.91 18.42
C ARG A 6 10.70 3.56 17.41
N LEU A 7 11.88 3.94 17.88
CA LEU A 7 12.89 4.55 17.01
C LEU A 7 13.29 3.64 15.84
N ASP A 8 13.08 2.34 15.98
CA ASP A 8 13.31 1.41 14.88
C ASP A 8 12.40 1.69 13.69
N ARG A 9 11.22 2.23 13.94
CA ARG A 9 10.30 2.52 12.83
C ARG A 9 10.83 3.69 12.03
N LEU A 10 11.48 4.64 12.70
CA LEU A 10 12.10 5.78 12.04
C LEU A 10 13.36 5.36 11.28
N ARG A 11 14.19 4.53 11.91
CA ARG A 11 15.35 3.95 11.22
C ARG A 11 14.94 3.19 9.95
N GLN A 12 13.84 2.45 10.04
CA GLN A 12 13.34 1.66 8.91
C GLN A 12 12.85 2.55 7.75
N PHE A 13 12.05 3.57 8.07
CA PHE A 13 11.65 4.55 7.06
C PHE A 13 12.86 5.16 6.34
N ILE A 14 13.82 5.66 7.11
CA ILE A 14 15.00 6.31 6.58
C ILE A 14 15.77 5.36 5.65
N GLY A 15 15.94 4.11 6.08
CA GLY A 15 16.61 3.10 5.28
C GLY A 15 15.87 2.76 3.98
N GLU A 16 14.55 2.57 4.10
CA GLU A 16 13.73 2.23 2.94
C GLU A 16 13.64 3.37 1.92
N LEU A 17 13.55 4.61 2.40
CA LEU A 17 13.49 5.75 1.48
C LEU A 17 14.81 5.91 0.75
N ALA A 18 15.92 5.75 1.47
CA ALA A 18 17.25 5.77 0.85
C ALA A 18 17.38 4.65 -0.19
N THR A 19 16.79 3.49 0.12
CA THR A 19 16.82 2.35 -0.79
C THR A 19 16.06 2.66 -2.09
N LEU A 20 14.91 3.31 -1.95
CA LEU A 20 14.15 3.76 -3.10
C LEU A 20 14.95 4.78 -3.93
N LEU A 21 15.52 5.77 -3.27
CA LEU A 21 16.28 6.80 -3.96
C LEU A 21 17.49 6.21 -4.69
N ASP A 22 18.05 5.15 -4.14
CA ASP A 22 19.21 4.49 -4.75
C ASP A 22 18.89 3.91 -6.13
N SER A 23 17.62 3.61 -6.39
CA SER A 23 17.25 3.06 -7.70
C SER A 23 17.08 4.19 -8.72
N ARG A 24 17.34 5.41 -8.28
CA ARG A 24 17.26 6.63 -9.12
C ARG A 24 15.93 6.87 -9.86
N PRO A 25 14.80 6.87 -9.13
CA PRO A 25 13.50 7.08 -9.80
C PRO A 25 13.33 8.52 -10.28
N ASP A 26 12.46 8.75 -11.25
CA ASP A 26 12.10 10.12 -11.53
C ASP A 26 11.22 10.57 -10.36
N GLU A 27 10.96 11.87 -10.27
CA GLU A 27 10.29 12.44 -9.10
C GLU A 27 8.88 11.89 -8.89
N SER A 28 8.14 11.68 -9.97
CA SER A 28 6.79 11.14 -9.87
C SER A 28 6.80 9.74 -9.24
N THR A 29 7.74 8.91 -9.66
CA THR A 29 7.86 7.55 -9.14
C THR A 29 8.33 7.60 -7.69
N LEU A 30 9.25 8.51 -7.41
CA LEU A 30 9.73 8.69 -6.05
C LEU A 30 8.59 9.02 -5.09
N LEU A 31 7.77 10.00 -5.48
CA LEU A 31 6.68 10.46 -4.62
C LEU A 31 5.61 9.39 -4.46
N ALA A 32 5.34 8.65 -5.52
CA ALA A 32 4.31 7.62 -5.48
C ALA A 32 4.71 6.50 -4.54
N GLN A 33 5.97 6.09 -4.60
CA GLN A 33 6.39 4.93 -3.83
C GLN A 33 6.86 5.31 -2.43
N ALA A 34 7.24 6.57 -2.23
CA ALA A 34 7.58 7.03 -0.87
C ALA A 34 6.32 7.35 -0.06
N HIS A 35 5.23 7.65 -0.75
CA HIS A 35 3.96 8.00 -0.11
C HIS A 35 3.54 6.94 0.94
N PRO A 36 3.50 5.64 0.58
CA PRO A 36 3.15 4.67 1.63
C PRO A 36 4.25 4.42 2.67
N LEU A 37 5.52 4.61 2.32
CA LEU A 37 6.61 4.54 3.31
C LEU A 37 6.35 5.53 4.45
N LEU A 38 6.06 6.79 4.10
CA LEU A 38 5.76 7.81 5.10
C LEU A 38 4.41 7.61 5.78
N ALA A 39 3.41 7.13 5.04
CA ALA A 39 2.10 6.86 5.65
C ALA A 39 2.23 5.84 6.77
N GLU A 40 3.02 4.79 6.57
N GLU A 40 3.00 4.78 6.51
CA GLU A 40 3.10 3.77 7.61
CA GLU A 40 3.26 3.74 7.50
C GLU A 40 3.99 4.17 8.79
C GLU A 40 3.83 4.34 8.78
N LEU A 41 4.85 5.18 8.59
CA LEU A 41 5.57 5.78 9.71
C LEU A 41 4.65 6.63 10.61
N VAL A 42 3.82 7.48 9.99
CA VAL A 42 2.96 8.39 10.74
C VAL A 42 1.60 7.77 11.04
N HIS A 43 1.42 6.51 10.67
CA HIS A 43 0.19 5.78 10.97
C HIS A 43 0.03 5.56 12.48
N GLN A 44 1.15 5.39 13.17
CA GLN A 44 1.15 5.21 14.62
C GLN A 44 2.10 6.21 15.27
N ASP A 45 1.62 6.89 16.30
CA ASP A 45 2.36 7.98 16.94
C ASP A 45 3.09 7.48 18.19
N ASP A 46 4.16 6.73 17.99
CA ASP A 46 4.84 6.06 19.10
C ASP A 46 6.39 6.10 18.99
N TRP A 47 6.92 7.05 18.22
CA TRP A 47 8.36 7.06 17.95
C TRP A 47 9.03 8.42 18.11
N LEU A 48 8.25 9.51 18.05
CA LEU A 48 8.83 10.85 18.03
C LEU A 48 9.36 11.27 19.40
N PRO A 49 10.66 11.60 19.48
CA PRO A 49 11.27 12.09 20.73
C PRO A 49 10.54 13.33 21.25
N GLU A 50 10.32 13.37 22.57
CA GLU A 50 9.62 14.47 23.23
C GLU A 50 10.24 15.81 22.88
N ASP A 51 11.58 15.86 22.88
CA ASP A 51 12.34 17.04 22.48
C ASP A 51 11.90 17.59 21.13
N CYS A 52 11.45 16.69 20.25
CA CYS A 52 11.15 17.06 18.88
C CYS A 52 9.64 17.20 18.67
N ALA A 53 8.90 17.31 19.77
CA ALA A 53 7.46 17.44 19.71
C ALA A 53 6.98 18.69 20.44
N ARG A 54 7.93 19.53 20.85
CA ARG A 54 7.66 20.64 21.75
C ARG A 54 7.34 21.94 21.02
N PRO A 55 6.12 22.47 21.24
CA PRO A 55 5.67 23.73 20.62
C PRO A 55 6.29 24.98 21.24
N ASP A 56 6.40 26.03 20.43
CA ASP A 56 6.88 27.34 20.87
C ASP A 56 5.71 28.31 20.81
N PRO A 57 5.64 29.26 21.77
CA PRO A 57 4.45 30.11 21.84
C PRO A 57 4.34 31.17 20.73
N GLN A 58 5.46 31.60 20.18
N GLN A 58 5.46 31.60 20.19
N GLN A 58 5.48 31.61 20.21
CA GLN A 58 5.43 32.70 19.23
CA GLN A 58 5.46 32.70 19.24
CA GLN A 58 5.49 32.70 19.24
C GLN A 58 5.64 32.28 17.77
C GLN A 58 5.56 32.25 17.78
C GLN A 58 5.49 32.21 17.79
N ARG A 59 6.07 31.04 17.55
CA ARG A 59 6.21 30.52 16.19
C ARG A 59 6.25 28.98 16.11
N TYR A 60 5.90 28.44 14.95
CA TYR A 60 5.99 27.00 14.73
C TYR A 60 7.45 26.56 14.76
N GLN A 61 7.68 25.31 15.17
CA GLN A 61 9.03 24.80 15.30
C GLN A 61 9.34 23.73 14.25
N GLN A 62 10.62 23.65 13.87
CA GLN A 62 11.06 22.69 12.87
C GLN A 62 12.26 21.94 13.41
N TYR A 63 12.02 20.72 13.88
CA TYR A 63 13.08 19.90 14.45
C TYR A 63 13.62 18.95 13.39
N LEU A 64 14.89 19.15 13.04
CA LEU A 64 15.59 18.24 12.15
C LEU A 64 15.75 16.88 12.82
N LEU A 65 15.28 15.82 12.15
CA LEU A 65 15.42 14.46 12.68
C LEU A 65 16.55 13.68 11.99
N HIS A 66 16.76 13.91 10.69
CA HIS A 66 17.77 13.17 9.94
C HIS A 66 18.06 13.83 8.60
N VAL A 67 19.32 13.78 8.19
CA VAL A 67 19.72 14.19 6.85
C VAL A 67 20.52 13.06 6.19
N ASP A 68 20.13 12.72 4.96
CA ASP A 68 20.83 11.73 4.16
C ASP A 68 22.27 12.19 3.85
N SER A 69 23.21 11.24 3.86
CA SER A 69 24.64 11.59 3.68
C SER A 69 24.90 12.46 2.45
N ARG A 70 24.23 12.16 1.35
CA ARG A 70 24.37 12.93 0.12
C ARG A 70 23.31 14.03 0.01
N GLN A 71 22.62 14.29 1.11
CA GLN A 71 21.58 15.31 1.17
C GLN A 71 20.49 15.10 0.12
N ARG A 72 20.15 13.85 -0.15
CA ARG A 72 19.07 13.55 -1.08
C ARG A 72 17.72 13.72 -0.38
N PHE A 73 17.74 13.76 0.95
CA PHE A 73 16.55 14.12 1.70
C PHE A 73 16.87 14.53 3.13
N SER A 74 15.90 15.23 3.70
CA SER A 74 15.89 15.52 5.13
C SER A 74 14.53 15.12 5.69
N VAL A 75 14.51 14.73 6.96
CA VAL A 75 13.29 14.42 7.67
C VAL A 75 13.12 15.39 8.82
N VAL A 76 11.97 16.06 8.88
CA VAL A 76 11.74 17.14 9.83
C VAL A 76 10.40 17.01 10.56
N SER A 77 10.42 17.21 11.88
CA SER A 77 9.19 17.31 12.65
C SER A 77 8.73 18.76 12.75
N PHE A 78 7.58 19.04 12.15
CA PHE A 78 7.00 20.38 12.12
C PHE A 78 5.93 20.48 13.22
N VAL A 79 6.18 21.32 14.22
CA VAL A 79 5.28 21.36 15.36
C VAL A 79 4.52 22.68 15.44
N TRP A 80 3.21 22.58 15.22
CA TRP A 80 2.31 23.72 15.35
C TRP A 80 1.79 23.88 16.77
N GLY A 81 2.06 25.01 17.38
CA GLY A 81 1.32 25.40 18.57
C GLY A 81 -0.10 25.76 18.15
N PRO A 82 -1.02 25.86 19.12
CA PRO A 82 -2.42 26.15 18.82
C PRO A 82 -2.57 27.38 17.92
N GLY A 83 -3.33 27.23 16.86
CA GLY A 83 -3.71 28.34 16.00
C GLY A 83 -2.59 28.97 15.18
N GLN A 84 -1.42 28.35 15.15
CA GLN A 84 -0.30 28.93 14.39
C GLN A 84 -0.44 28.70 12.89
N ILE A 85 0.17 29.58 12.10
CA ILE A 85 0.00 29.57 10.65
C ILE A 85 1.27 30.04 9.93
N THR A 86 1.54 29.48 8.74
CA THR A 86 2.65 29.94 7.92
C THR A 86 2.17 30.99 6.93
N PRO A 87 3.10 31.84 6.45
CA PRO A 87 2.77 32.64 5.26
C PRO A 87 2.70 31.74 4.02
N VAL A 88 2.20 32.27 2.91
CA VAL A 88 2.27 31.57 1.64
C VAL A 88 3.75 31.45 1.30
N HIS A 89 4.19 30.28 0.83
CA HIS A 89 5.61 30.03 0.56
C HIS A 89 5.83 28.86 -0.41
N ASP A 90 7.07 28.73 -0.89
CA ASP A 90 7.43 27.63 -1.78
C ASP A 90 8.41 26.67 -1.10
N HIS A 91 8.95 25.73 -1.88
CA HIS A 91 9.86 24.71 -1.36
C HIS A 91 11.08 24.50 -2.25
N ARG A 92 10.84 24.49 -3.56
CA ARG A 92 11.86 24.37 -4.63
C ARG A 92 12.47 22.97 -4.74
N VAL A 93 12.01 22.04 -3.91
CA VAL A 93 12.37 20.63 -4.04
C VAL A 93 11.12 19.78 -3.83
N TRP A 94 11.22 18.47 -4.09
CA TRP A 94 10.08 17.60 -3.80
C TRP A 94 9.86 17.55 -2.30
N CYS A 95 8.63 17.24 -1.93
N CYS A 95 8.61 17.36 -1.92
CA CYS A 95 8.14 17.49 -0.59
CA CYS A 95 8.23 17.40 -0.53
C CYS A 95 7.00 16.53 -0.22
C CYS A 95 7.07 16.47 -0.25
N LEU A 96 7.19 15.73 0.85
CA LEU A 96 6.14 14.85 1.32
C LEU A 96 5.81 15.23 2.76
N ILE A 97 4.53 15.40 3.03
CA ILE A 97 4.06 15.80 4.35
C ILE A 97 3.18 14.71 4.94
N GLY A 98 3.55 14.19 6.11
CA GLY A 98 2.79 13.15 6.76
C GLY A 98 2.23 13.62 8.10
N MET A 99 0.90 13.61 8.25
CA MET A 99 0.29 14.10 9.48
C MET A 99 0.44 13.07 10.60
N LEU A 100 0.97 13.50 11.74
CA LEU A 100 1.26 12.60 12.86
C LEU A 100 0.24 12.74 13.99
N ARG A 101 0.00 13.96 14.44
CA ARG A 101 -1.04 14.19 15.44
C ARG A 101 -1.68 15.56 15.23
N GLY A 102 -2.91 15.69 15.69
CA GLY A 102 -3.69 16.89 15.43
C GLY A 102 -4.09 16.88 13.97
N ALA A 103 -4.13 18.06 13.35
CA ALA A 103 -4.52 18.17 11.96
C ALA A 103 -4.08 19.52 11.44
N GLU A 104 -3.93 19.62 10.12
CA GLU A 104 -3.58 20.90 9.53
C GLU A 104 -4.37 21.15 8.25
N TYR A 105 -4.65 22.42 7.96
CA TYR A 105 -5.21 22.81 6.67
C TYR A 105 -4.09 23.17 5.71
N SER A 106 -4.22 22.73 4.46
CA SER A 106 -3.29 23.05 3.38
C SER A 106 -4.02 23.68 2.18
N GLN A 107 -3.69 24.94 1.86
CA GLN A 107 -4.30 25.60 0.70
C GLN A 107 -3.27 25.90 -0.40
N PRO A 108 -3.38 25.21 -1.56
CA PRO A 108 -2.40 25.51 -2.61
C PRO A 108 -2.70 26.86 -3.28
N TYR A 109 -1.65 27.54 -3.74
CA TYR A 109 -1.79 28.83 -4.42
C TYR A 109 -1.07 28.78 -5.76
N ALA A 110 -1.57 29.53 -6.73
CA ALA A 110 -0.84 29.79 -7.96
C ALA A 110 -0.82 31.29 -8.19
N PHE A 111 0.10 31.76 -9.02
CA PHE A 111 0.17 33.19 -9.31
C PHE A 111 -0.52 33.52 -10.63
N ASP A 112 -1.00 34.75 -10.76
CA ASP A 112 -1.41 35.26 -12.07
C ASP A 112 -0.19 35.89 -12.75
N ALA A 113 -0.37 36.39 -13.96
CA ALA A 113 0.73 37.02 -14.69
C ALA A 113 1.31 38.22 -13.94
N GLY A 114 0.48 38.86 -13.12
CA GLY A 114 0.91 40.01 -12.34
C GLY A 114 1.72 39.63 -11.11
N GLY A 115 1.81 38.34 -10.83
CA GLY A 115 2.63 37.85 -9.73
C GLY A 115 1.91 37.76 -8.40
N ARG A 116 0.61 38.02 -8.39
N ARG A 116 0.61 38.03 -8.41
CA ARG A 116 -0.16 37.94 -7.16
CA ARG A 116 -0.21 37.92 -7.21
C ARG A 116 -0.79 36.57 -6.99
C ARG A 116 -0.74 36.50 -7.02
N PRO A 117 -0.66 35.98 -5.79
CA PRO A 117 -1.04 34.60 -5.49
C PRO A 117 -2.53 34.43 -5.21
N HIS A 118 -3.13 33.39 -5.79
CA HIS A 118 -4.53 33.05 -5.52
C HIS A 118 -4.63 31.55 -5.27
N PRO A 119 -5.54 31.13 -4.39
CA PRO A 119 -5.84 29.70 -4.20
C PRO A 119 -6.05 29.01 -5.54
N SER A 120 -5.56 27.78 -5.66
CA SER A 120 -5.62 27.06 -6.93
C SER A 120 -6.24 25.68 -6.76
N GLY A 121 -6.92 25.48 -5.63
CA GLY A 121 -7.54 24.20 -5.34
C GLY A 121 -8.24 24.30 -3.99
N ALA A 122 -9.07 23.31 -3.69
CA ALA A 122 -9.75 23.26 -2.39
C ALA A 122 -8.76 23.27 -1.23
N ARG A 123 -9.17 23.88 -0.12
CA ARG A 123 -8.40 23.75 1.11
C ARG A 123 -8.48 22.31 1.58
N ARG A 124 -7.33 21.69 1.81
CA ARG A 124 -7.29 20.30 2.26
C ARG A 124 -7.11 20.20 3.78
N ARG A 125 -7.83 19.28 4.39
CA ARG A 125 -7.62 18.96 5.79
C ARG A 125 -6.86 17.65 5.88
N LEU A 126 -5.68 17.70 6.50
CA LEU A 126 -4.81 16.52 6.61
C LEU A 126 -4.95 15.92 8.00
N GLU A 127 -5.42 14.68 8.04
CA GLU A 127 -5.66 13.94 9.27
C GLU A 127 -4.48 13.03 9.58
N PRO A 128 -4.30 12.66 10.87
CA PRO A 128 -3.27 11.70 11.25
C PRO A 128 -3.25 10.48 10.36
N GLY A 129 -2.06 10.13 9.86
CA GLY A 129 -1.92 9.00 8.96
C GLY A 129 -1.95 9.37 7.49
N GLU A 130 -2.41 10.57 7.17
CA GLU A 130 -2.53 10.97 5.76
C GLU A 130 -1.26 11.65 5.26
N VAL A 131 -1.00 11.51 3.96
CA VAL A 131 0.19 12.08 3.36
C VAL A 131 -0.19 12.91 2.13
N GLU A 132 0.41 14.08 1.99
CA GLU A 132 0.29 14.86 0.76
C GLU A 132 1.67 15.19 0.16
N ALA A 133 1.71 15.43 -1.14
CA ALA A 133 2.96 15.68 -1.86
C ALA A 133 2.94 17.01 -2.62
N LEU A 134 4.08 17.70 -2.62
CA LEU A 134 4.28 18.92 -3.40
C LEU A 134 5.66 18.88 -4.04
N SER A 135 5.81 19.65 -5.12
CA SER A 135 7.11 19.85 -5.77
C SER A 135 6.98 20.98 -6.78
N PRO A 136 8.11 21.52 -7.26
CA PRO A 136 8.02 22.54 -8.30
C PRO A 136 7.22 22.09 -9.53
N ARG A 137 7.39 20.83 -9.93
CA ARG A 137 6.69 20.27 -11.09
C ARG A 137 5.18 20.25 -10.91
N ILE A 138 4.69 19.84 -9.75
CA ILE A 138 3.25 19.67 -9.61
C ILE A 138 2.56 20.80 -8.84
N GLY A 139 3.32 21.82 -8.45
CA GLY A 139 2.76 22.89 -7.64
C GLY A 139 3.48 22.94 -6.31
N ASP A 140 4.20 24.04 -6.09
CA ASP A 140 5.21 24.15 -5.03
C ASP A 140 4.77 25.08 -3.90
N VAL A 141 3.67 25.78 -4.11
CA VAL A 141 3.33 26.93 -3.27
C VAL A 141 2.05 26.69 -2.51
N HIS A 142 2.08 26.95 -1.20
CA HIS A 142 0.87 26.80 -0.38
C HIS A 142 0.98 27.51 0.96
N GLN A 143 -0.14 27.58 1.66
CA GLN A 143 -0.19 28.11 3.01
C GLN A 143 -0.75 27.01 3.89
N VAL A 144 -0.16 26.83 5.06
CA VAL A 144 -0.54 25.76 5.97
C VAL A 144 -0.81 26.34 7.35
N SER A 145 -1.76 25.74 8.06
CA SER A 145 -2.08 26.19 9.40
C SER A 145 -2.53 25.03 10.28
N ASN A 146 -2.29 25.17 11.57
CA ASN A 146 -2.88 24.27 12.56
C ASN A 146 -4.37 24.30 12.38
N ALA A 147 -4.98 23.13 12.24
CA ALA A 147 -6.43 23.03 12.06
C ALA A 147 -7.17 23.35 13.36
N PHE A 148 -6.42 23.36 14.46
CA PHE A 148 -6.99 23.56 15.80
C PHE A 148 -6.49 24.83 16.45
N SER A 149 -7.39 25.49 17.17
CA SER A 149 -7.06 26.71 17.89
C SER A 149 -6.53 26.40 19.29
N ASP A 150 -6.64 25.15 19.70
CA ASP A 150 -6.42 24.82 21.11
C ASP A 150 -5.62 23.54 21.35
N ARG A 151 -4.85 23.10 20.37
CA ARG A 151 -3.98 21.95 20.58
C ARG A 151 -2.77 21.97 19.67
N THR A 152 -1.74 21.24 20.07
CA THR A 152 -0.55 21.12 19.28
C THR A 152 -0.79 20.13 18.15
N SER A 153 -0.37 20.49 16.95
CA SER A 153 -0.42 19.56 15.82
C SER A 153 0.99 19.33 15.30
N ILE A 154 1.24 18.13 14.78
CA ILE A 154 2.57 17.78 14.31
C ILE A 154 2.50 17.02 13.00
N SER A 155 3.22 17.51 11.99
CA SER A 155 3.35 16.76 10.76
C SER A 155 4.82 16.46 10.51
N ILE A 156 5.09 15.34 9.85
CA ILE A 156 6.46 14.92 9.58
C ILE A 156 6.75 15.22 8.12
N HIS A 157 7.81 16.00 7.88
CA HIS A 157 8.12 16.45 6.53
C HIS A 157 9.37 15.78 5.98
N VAL A 158 9.29 15.36 4.73
CA VAL A 158 10.44 14.81 4.04
C VAL A 158 10.67 15.65 2.78
N TYR A 159 11.86 16.23 2.66
N TYR A 159 11.85 16.28 2.69
CA TYR A 159 12.16 17.10 1.52
CA TYR A 159 12.19 17.11 1.55
C TYR A 159 13.40 16.65 0.76
C TYR A 159 13.28 16.49 0.71
N GLY A 160 13.39 16.90 -0.55
CA GLY A 160 14.45 16.44 -1.43
C GLY A 160 15.77 17.20 -1.34
N ALA A 161 16.09 17.71 -0.16
CA ALA A 161 17.37 18.35 0.12
C ALA A 161 17.51 18.58 1.61
N ASN A 162 18.63 19.19 2.02
CA ASN A 162 18.77 19.73 3.37
C ASN A 162 17.92 20.98 3.43
N ILE A 163 16.62 20.80 3.70
CA ILE A 163 15.62 21.88 3.53
C ILE A 163 15.98 23.15 4.29
N GLY A 164 16.61 22.99 5.44
CA GLY A 164 16.95 24.12 6.28
C GLY A 164 17.98 25.02 5.64
N ALA A 165 18.69 24.51 4.64
CA ALA A 165 19.70 25.29 3.93
C ALA A 165 19.24 25.72 2.54
N VAL A 166 17.99 25.43 2.17
CA VAL A 166 17.49 25.82 0.85
C VAL A 166 16.99 27.25 0.86
N ARG A 167 17.45 28.04 -0.11
CA ARG A 167 16.96 29.40 -0.27
C ARG A 167 15.62 29.40 -0.98
N ARG A 168 14.58 29.81 -0.27
CA ARG A 168 13.26 29.89 -0.87
C ARG A 168 12.56 31.20 -0.51
N ALA A 169 11.25 31.26 -0.68
CA ALA A 169 10.55 32.54 -0.54
C ALA A 169 9.14 32.43 0.03
N VAL A 170 8.77 33.44 0.81
CA VAL A 170 7.38 33.63 1.20
C VAL A 170 6.80 34.75 0.36
N PHE A 171 5.48 34.78 0.25
CA PHE A 171 4.80 35.74 -0.60
C PHE A 171 3.66 36.39 0.16
N SER A 172 3.53 37.71 0.02
CA SER A 172 2.37 38.40 0.58
C SER A 172 1.21 38.27 -0.40
N ALA A 173 0.01 38.59 0.06
CA ALA A 173 -1.18 38.52 -0.79
C ALA A 173 -1.03 39.50 -1.95
N GLU A 174 -0.26 40.55 -1.73
CA GLU A 174 -0.02 41.57 -2.74
C GLU A 174 1.03 41.12 -3.75
N GLY A 175 1.63 39.97 -3.50
CA GLY A 175 2.61 39.40 -4.42
C GLY A 175 4.06 39.76 -4.16
N GLU A 176 4.33 40.42 -3.03
CA GLU A 176 5.71 40.75 -2.72
C GLU A 176 6.48 39.51 -2.25
N GLU A 177 7.59 39.26 -2.94
CA GLU A 177 8.40 38.08 -2.69
C GLU A 177 9.57 38.39 -1.76
N LYS A 178 9.67 37.63 -0.67
CA LYS A 178 10.73 37.83 0.31
C LYS A 178 11.48 36.52 0.54
N PRO A 179 12.77 36.50 0.16
CA PRO A 179 13.61 35.32 0.36
C PRO A 179 13.71 34.93 1.82
N PHE A 180 13.82 33.63 2.09
CA PHE A 180 14.08 33.18 3.46
C PHE A 180 14.73 31.81 3.46
N ILE A 181 15.37 31.50 4.58
CA ILE A 181 15.96 30.20 4.82
C ILE A 181 15.42 29.72 6.16
N SER A 182 14.76 28.59 6.17
CA SER A 182 13.98 28.20 7.35
C SER A 182 14.87 27.86 8.55
N GLY A 183 16.00 27.21 8.29
CA GLY A 183 16.87 26.79 9.38
C GLY A 183 16.18 25.77 10.26
N TYR A 184 16.76 25.49 11.42
CA TYR A 184 16.21 24.47 12.30
C TYR A 184 16.09 24.96 13.74
N SER A 185 15.09 24.45 14.43
CA SER A 185 14.82 24.82 15.82
C SER A 185 15.79 24.17 16.81
N ASN A 186 16.31 23.00 16.46
CA ASN A 186 17.23 22.26 17.36
C ASN A 186 18.68 22.38 16.91
N SER A 187 19.59 22.63 17.86
CA SER A 187 21.01 22.71 17.53
C SER A 187 21.66 21.33 17.70
N ARG A 188 20.88 20.40 18.25
CA ARG A 188 21.29 19.00 18.36
C ARG A 188 20.21 18.09 17.80
N LEU A 189 20.59 17.02 17.13
CA LEU A 189 19.62 16.07 16.58
C LEU A 189 19.40 14.96 17.58
N PRO A 190 18.22 14.32 17.55
CA PRO A 190 18.12 13.13 18.40
C PRO A 190 19.08 12.05 17.90
N ASN A 191 19.74 11.37 18.82
CA ASN A 191 20.49 10.18 18.47
C ASN A 191 19.51 9.03 18.39
N ILE A 192 19.17 8.63 17.17
CA ILE A 192 18.22 7.55 16.98
C ILE A 192 18.90 6.23 16.67
N TRP A 193 20.20 6.14 16.96
CA TRP A 193 21.02 5.04 16.49
C TRP A 193 21.62 4.16 17.59
N ASP A 194 21.47 4.54 18.85
CA ASP A 194 22.07 3.76 19.93
C ASP A 194 21.16 2.58 20.35
N LEU A 195 21.19 1.51 19.55
CA LEU A 195 20.24 0.40 19.73
C LEU A 195 20.34 -0.27 21.11
N SER A 196 21.53 -0.23 21.70
CA SER A 196 21.74 -0.83 23.02
C SER A 196 20.86 -0.16 24.09
N LYS A 197 20.37 1.04 23.80
CA LYS A 197 19.54 1.78 24.72
C LYS A 197 18.06 1.40 24.59
N GLU A 198 17.78 0.46 23.70
CA GLU A 198 16.42 -0.06 23.51
C GLU A 198 16.30 -1.50 23.99
N ILE B 4 35.67 30.11 13.83
CA ILE B 4 34.44 29.53 13.31
C ILE B 4 34.60 28.02 13.03
N LEU B 5 33.51 27.28 13.17
CA LEU B 5 33.54 25.82 13.06
C LEU B 5 33.29 25.36 11.62
N ARG B 6 34.28 24.67 11.05
CA ARG B 6 34.22 24.30 9.64
C ARG B 6 33.41 23.01 9.43
N LEU B 7 32.14 23.03 9.82
CA LEU B 7 31.29 21.85 9.67
C LEU B 7 31.11 21.42 8.21
N ASP B 8 31.40 22.32 7.28
CA ASP B 8 31.35 21.98 5.85
C ASP B 8 32.31 20.84 5.50
N ARG B 9 33.45 20.78 6.17
CA ARG B 9 34.42 19.71 5.90
C ARG B 9 33.81 18.35 6.19
N LEU B 10 33.05 18.29 7.29
CA LEU B 10 32.40 17.06 7.70
C LEU B 10 31.25 16.72 6.75
N ARG B 11 30.47 17.72 6.35
CA ARG B 11 29.44 17.53 5.32
C ARG B 11 30.08 17.05 4.02
N GLN B 12 31.22 17.61 3.70
CA GLN B 12 31.98 17.19 2.54
C GLN B 12 32.35 15.72 2.63
N PHE B 13 32.96 15.34 3.75
CA PHE B 13 33.46 13.98 3.91
C PHE B 13 32.33 12.95 3.78
N ILE B 14 31.25 13.20 4.52
CA ILE B 14 30.08 12.34 4.55
C ILE B 14 29.48 12.15 3.14
N GLY B 15 29.31 13.27 2.42
CA GLY B 15 28.80 13.23 1.06
C GLY B 15 29.66 12.43 0.11
N GLU B 16 30.96 12.70 0.12
CA GLU B 16 31.87 12.03 -0.81
C GLU B 16 32.04 10.56 -0.46
N LEU B 17 32.01 10.25 0.82
CA LEU B 17 32.10 8.84 1.23
C LEU B 17 30.88 8.05 0.76
N ALA B 18 29.69 8.66 0.88
CA ALA B 18 28.46 7.99 0.47
C ALA B 18 28.44 7.80 -1.04
N THR B 19 28.91 8.81 -1.76
CA THR B 19 29.08 8.75 -3.21
C THR B 19 29.96 7.56 -3.58
N LEU B 20 31.12 7.47 -2.92
CA LEU B 20 32.02 6.35 -3.11
C LEU B 20 31.32 5.00 -2.92
N LEU B 21 30.58 4.86 -1.83
CA LEU B 21 29.91 3.60 -1.52
C LEU B 21 28.76 3.24 -2.46
N ASP B 22 28.20 4.22 -3.15
CA ASP B 22 27.09 3.98 -4.07
C ASP B 22 27.51 3.05 -5.20
N SER B 23 28.79 3.12 -5.56
CA SER B 23 29.33 2.42 -6.72
C SER B 23 29.59 0.95 -6.41
N ARG B 24 29.23 0.55 -5.19
CA ARG B 24 29.37 -0.84 -4.73
C ARG B 24 30.82 -1.36 -4.70
N PRO B 25 31.77 -0.54 -4.20
CA PRO B 25 33.16 -1.00 -4.36
C PRO B 25 33.49 -2.19 -3.47
N ASP B 26 34.44 -3.02 -3.90
CA ASP B 26 34.98 -4.06 -3.04
C ASP B 26 35.73 -3.38 -1.90
N GLU B 27 36.03 -4.13 -0.84
CA GLU B 27 36.57 -3.52 0.38
C GLU B 27 37.90 -2.81 0.12
N SER B 28 38.79 -3.51 -0.59
CA SER B 28 40.12 -2.99 -0.88
C SER B 28 40.05 -1.63 -1.56
N THR B 29 39.24 -1.54 -2.62
CA THR B 29 39.01 -0.30 -3.33
C THR B 29 38.42 0.78 -2.43
N LEU B 30 37.40 0.38 -1.67
CA LEU B 30 36.74 1.25 -0.72
C LEU B 30 37.75 1.89 0.22
N LEU B 31 38.57 1.06 0.86
CA LEU B 31 39.52 1.56 1.86
C LEU B 31 40.56 2.48 1.22
N ALA B 32 41.02 2.11 0.03
CA ALA B 32 42.05 2.88 -0.66
C ALA B 32 41.49 4.22 -1.12
N GLN B 33 40.22 4.24 -1.51
CA GLN B 33 39.61 5.49 -1.94
C GLN B 33 39.13 6.34 -0.74
N ALA B 34 38.71 5.69 0.34
CA ALA B 34 38.19 6.44 1.51
C ALA B 34 39.32 6.98 2.42
N HIS B 35 40.42 6.23 2.52
CA HIS B 35 41.57 6.66 3.31
C HIS B 35 41.95 8.14 3.07
N PRO B 36 42.10 8.57 1.79
CA PRO B 36 42.45 9.98 1.63
C PRO B 36 41.32 10.96 1.96
N LEU B 37 40.07 10.54 1.83
CA LEU B 37 38.96 11.40 2.24
C LEU B 37 39.06 11.69 3.73
N LEU B 38 39.30 10.65 4.51
CA LEU B 38 39.39 10.83 5.95
C LEU B 38 40.66 11.62 6.32
N ALA B 39 41.72 11.43 5.53
CA ALA B 39 42.98 12.13 5.81
C ALA B 39 42.77 13.64 5.66
N GLU B 40 42.06 14.02 4.61
CA GLU B 40 41.69 15.41 4.38
C GLU B 40 40.80 16.00 5.50
N LEU B 41 39.93 15.18 6.07
CA LEU B 41 39.08 15.64 7.17
C LEU B 41 39.87 15.87 8.47
N VAL B 42 40.73 14.92 8.82
CA VAL B 42 41.47 15.07 10.07
C VAL B 42 42.78 15.85 9.84
N HIS B 43 42.97 16.35 8.62
CA HIS B 43 44.20 17.08 8.27
C HIS B 43 44.34 18.37 9.07
N GLN B 44 43.22 19.08 9.21
CA GLN B 44 43.20 20.26 10.08
C GLN B 44 42.11 20.10 11.13
N ASP B 45 42.41 20.59 12.33
CA ASP B 45 41.55 20.39 13.48
C ASP B 45 40.69 21.63 13.72
N ASP B 46 39.75 21.92 12.80
CA ASP B 46 38.93 23.12 12.90
C ASP B 46 37.42 22.90 12.70
N TRP B 47 36.92 21.71 13.02
CA TRP B 47 35.53 21.40 12.69
C TRP B 47 34.78 20.62 13.78
N LEU B 48 35.50 19.92 14.65
CA LEU B 48 34.87 19.07 15.65
C LEU B 48 34.20 19.86 16.76
N PRO B 49 32.88 19.70 16.94
CA PRO B 49 32.22 20.42 18.04
C PRO B 49 32.88 20.12 19.39
N GLU B 50 33.11 21.16 20.19
CA GLU B 50 33.70 20.99 21.52
C GLU B 50 32.90 19.93 22.28
N ASP B 51 31.58 19.94 22.03
CA ASP B 51 30.61 18.95 22.46
C ASP B 51 31.04 17.49 22.28
N CYS B 52 31.65 17.22 21.14
CA CYS B 52 32.01 15.85 20.79
C CYS B 52 33.52 15.64 20.94
N ALA B 53 34.13 16.46 21.80
CA ALA B 53 35.58 16.42 22.02
C ALA B 53 35.93 16.39 23.51
N ARG B 54 34.97 16.05 24.36
CA ARG B 54 35.14 16.09 25.81
C ARG B 54 35.59 14.78 26.45
N PRO B 55 36.70 14.82 27.19
CA PRO B 55 37.22 13.64 27.89
C PRO B 55 36.48 13.39 29.22
N ASP B 56 36.23 12.12 29.52
CA ASP B 56 35.58 11.67 30.74
C ASP B 56 36.66 11.11 31.66
N PRO B 57 36.47 11.23 32.99
CA PRO B 57 37.48 10.75 33.94
C PRO B 57 37.76 9.26 33.86
N GLN B 58 36.72 8.44 34.01
CA GLN B 58 36.86 6.98 34.07
C GLN B 58 37.06 6.33 32.70
N ARG B 59 36.36 6.83 31.69
CA ARG B 59 36.29 6.15 30.41
C ARG B 59 36.62 7.02 29.19
N TYR B 60 37.21 6.40 28.16
CA TYR B 60 37.24 7.02 26.85
C TYR B 60 35.79 7.21 26.39
N GLN B 61 35.56 8.22 25.56
CA GLN B 61 34.23 8.58 25.12
C GLN B 61 34.05 8.38 23.62
N GLN B 62 32.85 8.01 23.22
CA GLN B 62 32.58 7.78 21.81
C GLN B 62 31.35 8.58 21.39
N TYR B 63 31.60 9.70 20.70
CA TYR B 63 30.54 10.60 20.30
C TYR B 63 30.15 10.33 18.85
N LEU B 64 28.94 9.81 18.66
CA LEU B 64 28.40 9.60 17.32
C LEU B 64 28.24 10.94 16.59
N LEU B 65 28.83 11.06 15.40
CA LEU B 65 28.69 12.31 14.64
C LEU B 65 27.63 12.20 13.55
N HIS B 66 27.50 11.02 12.96
CA HIS B 66 26.61 10.83 11.80
C HIS B 66 26.51 9.35 11.45
N VAL B 67 25.33 8.95 10.98
CA VAL B 67 25.09 7.62 10.47
C VAL B 67 24.44 7.76 9.11
N ASP B 68 24.94 7.01 8.13
CA ASP B 68 24.37 7.00 6.79
C ASP B 68 22.95 6.40 6.80
N SER B 69 22.09 6.89 5.92
CA SER B 69 20.67 6.48 5.91
C SER B 69 20.48 4.96 5.85
N ARG B 70 21.32 4.29 5.07
CA ARG B 70 21.23 2.85 4.93
C ARG B 70 22.21 2.15 5.85
N GLN B 71 22.76 2.90 6.82
CA GLN B 71 23.72 2.37 7.78
C GLN B 71 24.93 1.71 7.11
N ARG B 72 25.31 2.22 5.93
CA ARG B 72 26.50 1.75 5.24
C ARG B 72 27.76 2.23 5.96
N PHE B 73 27.63 3.34 6.71
CA PHE B 73 28.70 3.78 7.60
C PHE B 73 28.22 4.67 8.74
N SER B 74 29.12 4.85 9.71
CA SER B 74 28.93 5.78 10.81
C SER B 74 30.27 6.47 11.08
N VAL B 75 30.19 7.67 11.65
CA VAL B 75 31.38 8.48 11.95
C VAL B 75 31.33 8.84 13.43
N VAL B 76 32.42 8.56 14.13
CA VAL B 76 32.46 8.68 15.59
C VAL B 76 33.70 9.43 16.04
N SER B 77 33.54 10.28 17.05
CA SER B 77 34.67 10.93 17.71
C SER B 77 35.08 10.14 18.96
N PHE B 78 36.28 9.56 18.93
CA PHE B 78 36.81 8.78 20.03
C PHE B 78 37.74 9.65 20.88
N VAL B 79 37.33 9.94 22.11
CA VAL B 79 38.08 10.89 22.93
C VAL B 79 38.72 10.20 24.13
N TRP B 80 40.05 10.19 24.12
CA TRP B 80 40.83 9.64 25.22
C TRP B 80 41.13 10.67 26.30
N GLY B 81 40.82 10.34 27.56
CA GLY B 81 41.41 11.05 28.67
C GLY B 81 42.87 10.62 28.79
N PRO B 82 43.63 11.23 29.71
CA PRO B 82 45.05 10.89 29.91
C PRO B 82 45.31 9.40 30.17
N GLY B 83 46.20 8.80 29.41
CA GLY B 83 46.64 7.42 29.65
C GLY B 83 45.57 6.34 29.62
N GLN B 84 44.45 6.58 28.94
CA GLN B 84 43.39 5.58 28.84
C GLN B 84 43.67 4.51 27.78
N ILE B 85 43.12 3.32 27.99
CA ILE B 85 43.43 2.17 27.14
C ILE B 85 42.21 1.27 26.92
N THR B 86 42.05 0.76 25.69
CA THR B 86 41.01 -0.22 25.41
C THR B 86 41.49 -1.61 25.74
N PRO B 87 40.55 -2.53 26.01
CA PRO B 87 40.96 -3.93 25.97
C PRO B 87 41.15 -4.38 24.51
N VAL B 88 41.76 -5.54 24.31
CA VAL B 88 41.83 -6.15 22.98
C VAL B 88 40.41 -6.34 22.43
N HIS B 89 40.18 -5.98 21.18
CA HIS B 89 38.84 -6.15 20.61
C HIS B 89 38.89 -6.20 19.09
N ASP B 90 37.78 -6.57 18.48
CA ASP B 90 37.65 -6.57 17.03
C ASP B 90 36.61 -5.53 16.59
N HIS B 91 36.24 -5.56 15.31
CA HIS B 91 35.26 -4.62 14.74
C HIS B 91 34.22 -5.31 13.86
N ARG B 92 34.64 -6.34 13.12
CA ARG B 92 33.79 -7.17 12.27
C ARG B 92 33.25 -6.46 11.02
N VAL B 93 33.69 -5.22 10.80
CA VAL B 93 33.40 -4.48 9.58
C VAL B 93 34.61 -3.66 9.20
N TRP B 94 34.64 -3.13 8.00
CA TRP B 94 35.74 -2.29 7.62
C TRP B 94 35.74 -1.08 8.54
N CYS B 95 36.93 -0.52 8.73
N CYS B 95 36.93 -0.58 8.82
CA CYS B 95 37.17 0.45 9.79
CA CYS B 95 37.11 0.51 9.76
C CYS B 95 38.33 1.37 9.43
C CYS B 95 38.29 1.37 9.38
N LEU B 96 38.06 2.68 9.39
CA LEU B 96 39.14 3.65 9.17
C LEU B 96 39.27 4.52 10.41
N ILE B 97 40.51 4.72 10.86
CA ILE B 97 40.77 5.51 12.06
C ILE B 97 41.69 6.69 11.73
N GLY B 98 41.19 7.90 11.96
CA GLY B 98 41.92 9.11 11.61
C GLY B 98 42.34 9.91 12.82
N MET B 99 43.64 10.06 13.03
CA MET B 99 44.14 10.75 14.20
C MET B 99 43.95 12.26 14.08
N LEU B 100 43.27 12.85 15.04
CA LEU B 100 42.93 14.27 14.97
C LEU B 100 43.85 15.12 15.84
N ARG B 101 43.96 14.78 17.13
CA ARG B 101 44.86 15.48 18.03
C ARG B 101 45.43 14.52 19.06
N GLY B 102 46.59 14.87 19.62
CA GLY B 102 47.31 13.97 20.50
C GLY B 102 47.84 12.83 19.66
N ALA B 103 47.86 11.64 20.23
CA ALA B 103 48.38 10.47 19.54
C ALA B 103 47.92 9.21 20.24
N GLU B 104 47.94 8.09 19.54
CA GLU B 104 47.59 6.83 20.20
C GLU B 104 48.51 5.70 19.77
N TYR B 105 48.70 4.72 20.66
CA TYR B 105 49.40 3.50 20.30
C TYR B 105 48.37 2.47 19.89
N SER B 106 48.67 1.76 18.82
CA SER B 106 47.85 0.64 18.36
C SER B 106 48.73 -0.63 18.35
N GLN B 107 48.14 -1.75 18.75
CA GLN B 107 48.87 -3.02 18.77
C GLN B 107 48.01 -4.15 18.19
N PRO B 108 48.37 -4.62 16.98
CA PRO B 108 47.63 -5.71 16.32
C PRO B 108 47.81 -7.02 17.06
N TYR B 109 46.72 -7.79 17.18
CA TYR B 109 46.78 -9.14 17.71
C TYR B 109 46.25 -10.15 16.70
N ALA B 110 46.71 -11.38 16.84
CA ALA B 110 46.12 -12.49 16.10
C ALA B 110 46.01 -13.66 17.05
N PHE B 111 45.37 -14.74 16.63
CA PHE B 111 45.20 -15.86 17.53
C PHE B 111 46.00 -17.07 17.07
N ASP B 112 46.48 -17.86 18.02
CA ASP B 112 47.12 -19.11 17.68
C ASP B 112 46.04 -20.18 17.48
N ALA B 113 46.46 -21.44 17.34
CA ALA B 113 45.54 -22.54 17.09
C ALA B 113 44.64 -22.75 18.31
N GLY B 114 45.17 -22.46 19.50
CA GLY B 114 44.40 -22.56 20.73
C GLY B 114 43.64 -21.29 21.12
N GLY B 115 43.48 -20.36 20.19
CA GLY B 115 42.63 -19.20 20.38
C GLY B 115 43.17 -18.12 21.31
N ARG B 116 44.41 -18.29 21.76
CA ARG B 116 45.01 -17.30 22.65
C ARG B 116 45.61 -16.18 21.82
N PRO B 117 45.52 -14.94 22.32
CA PRO B 117 45.94 -13.75 21.57
C PRO B 117 47.43 -13.48 21.72
N HIS B 118 48.05 -13.05 20.64
CA HIS B 118 49.44 -12.65 20.69
C HIS B 118 49.61 -11.45 19.78
N PRO B 119 50.54 -10.55 20.12
CA PRO B 119 50.85 -9.46 19.19
C PRO B 119 51.22 -10.05 17.83
N SER B 120 50.85 -9.38 16.76
CA SER B 120 51.01 -9.97 15.43
C SER B 120 51.69 -9.03 14.46
N GLY B 121 52.29 -7.96 15.01
CA GLY B 121 53.01 -7.01 14.20
C GLY B 121 53.54 -5.91 15.08
N ALA B 122 54.28 -4.98 14.49
CA ALA B 122 54.87 -3.87 15.23
C ALA B 122 53.80 -3.05 15.94
N ARG B 123 54.12 -2.57 17.14
CA ARG B 123 53.31 -1.57 17.81
C ARG B 123 53.33 -0.32 16.95
N ARG B 124 52.18 0.29 16.74
CA ARG B 124 52.13 1.47 15.89
C ARG B 124 51.76 2.72 16.67
N ARG B 125 52.45 3.81 16.40
CA ARG B 125 52.07 5.11 16.96
C ARG B 125 51.41 5.95 15.87
N LEU B 126 50.16 6.36 16.11
CA LEU B 126 49.41 7.12 15.13
C LEU B 126 49.44 8.62 15.47
N GLU B 127 50.00 9.41 14.55
CA GLU B 127 50.18 10.84 14.76
C GLU B 127 49.05 11.58 14.04
N PRO B 128 48.78 12.84 14.45
CA PRO B 128 47.71 13.62 13.81
C PRO B 128 47.85 13.70 12.30
N GLY B 129 46.76 13.47 11.59
CA GLY B 129 46.76 13.51 10.14
C GLY B 129 46.85 12.12 9.53
N GLU B 130 47.32 11.15 10.30
CA GLU B 130 47.46 9.79 9.81
C GLU B 130 46.14 9.03 9.84
N VAL B 131 45.96 8.16 8.86
CA VAL B 131 44.78 7.30 8.80
C VAL B 131 45.23 5.84 8.71
N GLU B 132 44.71 5.00 9.60
CA GLU B 132 44.95 3.57 9.46
C GLU B 132 43.63 2.84 9.18
N ALA B 133 43.75 1.69 8.55
CA ALA B 133 42.60 0.90 8.10
C ALA B 133 42.65 -0.49 8.70
N LEU B 134 41.49 -1.04 9.03
CA LEU B 134 41.43 -2.44 9.39
C LEU B 134 40.06 -3.06 9.07
N SER B 135 40.01 -4.38 9.10
CA SER B 135 38.82 -5.14 8.72
C SER B 135 39.11 -6.62 8.96
N PRO B 136 38.08 -7.46 8.98
CA PRO B 136 38.34 -8.90 9.10
C PRO B 136 39.34 -9.39 8.04
N ARG B 137 39.24 -8.86 6.82
CA ARG B 137 40.13 -9.26 5.73
C ARG B 137 41.61 -8.90 5.98
N ILE B 138 41.87 -7.71 6.50
CA ILE B 138 43.25 -7.26 6.61
C ILE B 138 43.82 -7.31 8.03
N GLY B 139 42.99 -7.70 9.00
CA GLY B 139 43.39 -7.74 10.40
C GLY B 139 42.53 -6.83 11.25
N ASP B 140 41.73 -7.44 12.13
CA ASP B 140 40.60 -6.77 12.75
C ASP B 140 40.80 -6.58 14.25
N VAL B 141 41.84 -7.18 14.77
CA VAL B 141 41.97 -7.31 16.21
C VAL B 141 43.13 -6.47 16.71
N HIS B 142 42.86 -5.62 17.68
CA HIS B 142 43.91 -4.79 18.25
C HIS B 142 43.60 -4.23 19.62
N GLN B 143 44.64 -3.76 20.30
CA GLN B 143 44.50 -2.97 21.50
C GLN B 143 45.00 -1.57 21.19
N VAL B 144 44.31 -0.55 21.69
CA VAL B 144 44.66 0.84 21.44
C VAL B 144 44.73 1.62 22.75
N SER B 145 45.68 2.54 22.85
CA SER B 145 45.78 3.37 24.05
C SER B 145 46.16 4.82 23.70
N ASN B 146 45.83 5.75 24.57
CA ASN B 146 46.31 7.11 24.43
C ASN B 146 47.84 7.08 24.51
N ALA B 147 48.52 7.67 23.54
CA ALA B 147 50.00 7.70 23.57
C ALA B 147 50.52 8.62 24.67
N PHE B 148 49.63 9.42 25.25
CA PHE B 148 49.99 10.35 26.31
C PHE B 148 49.37 9.94 27.64
N SER B 149 50.13 10.08 28.73
CA SER B 149 49.63 9.76 30.06
C SER B 149 49.06 11.00 30.76
N ASP B 150 49.18 12.15 30.09
CA ASP B 150 48.94 13.43 30.73
C ASP B 150 48.09 14.39 29.90
N ARG B 151 47.49 13.91 28.82
CA ARG B 151 46.69 14.81 27.98
C ARG B 151 45.66 14.10 27.09
N THR B 152 44.81 14.90 26.48
CA THR B 152 43.70 14.43 25.65
C THR B 152 44.12 14.05 24.25
N SER B 153 43.68 12.89 23.78
CA SER B 153 43.87 12.55 22.39
C SER B 153 42.52 12.23 21.76
N ILE B 154 42.41 12.50 20.47
CA ILE B 154 41.17 12.29 19.73
C ILE B 154 41.45 11.68 18.38
N SER B 155 40.74 10.60 18.08
CA SER B 155 40.74 10.08 16.71
C SER B 155 39.31 9.99 16.17
N ILE B 156 39.19 10.13 14.85
CA ILE B 156 37.91 10.10 14.17
C ILE B 156 37.76 8.76 13.46
N HIS B 157 36.73 8.02 13.84
CA HIS B 157 36.53 6.66 13.38
C HIS B 157 35.39 6.54 12.38
N VAL B 158 35.65 5.83 11.30
CA VAL B 158 34.64 5.54 10.28
C VAL B 158 34.52 4.04 10.12
N TYR B 159 33.33 3.52 10.40
N TYR B 159 33.34 3.52 10.44
CA TYR B 159 33.10 2.08 10.33
CA TYR B 159 33.06 2.10 10.37
C TYR B 159 31.97 1.75 9.36
C TYR B 159 32.06 1.80 9.25
N GLY B 160 32.08 0.57 8.73
CA GLY B 160 31.15 0.16 7.70
C GLY B 160 29.78 -0.33 8.17
N ALA B 161 29.32 0.26 9.26
CA ALA B 161 27.97 0.04 9.76
C ALA B 161 27.70 1.04 10.86
N ASN B 162 26.55 0.87 11.50
CA ASN B 162 26.24 1.56 12.73
C ASN B 162 26.98 0.90 13.87
N ILE B 163 28.21 1.35 14.13
CA ILE B 163 29.13 0.60 14.97
C ILE B 163 28.62 0.42 16.39
N GLY B 164 27.90 1.42 16.89
CA GLY B 164 27.42 1.38 18.26
C GLY B 164 26.46 0.22 18.48
N ALA B 165 25.90 -0.29 17.38
CA ALA B 165 24.94 -1.41 17.40
C ALA B 165 25.52 -2.76 16.91
N VAL B 166 26.78 -2.78 16.49
CA VAL B 166 27.40 -4.01 15.97
C VAL B 166 27.72 -4.99 17.11
N ARG B 167 27.33 -6.25 16.95
CA ARG B 167 27.69 -7.26 17.94
C ARG B 167 29.11 -7.76 17.69
N ARG B 168 30.01 -7.40 18.58
CA ARG B 168 31.41 -7.78 18.41
C ARG B 168 32.00 -8.23 19.74
N ALA B 169 33.32 -8.23 19.87
CA ALA B 169 33.93 -8.90 21.00
C ALA B 169 35.18 -8.25 21.55
N VAL B 170 35.32 -8.26 22.86
CA VAL B 170 36.60 -7.99 23.50
C VAL B 170 37.20 -9.32 23.90
N PHE B 171 38.52 -9.39 23.98
CA PHE B 171 39.18 -10.61 24.42
C PHE B 171 40.01 -10.33 25.67
N SER B 172 39.87 -11.19 26.68
CA SER B 172 40.71 -11.12 27.86
C SER B 172 42.12 -11.57 27.51
N ALA B 173 43.07 -11.29 28.41
CA ALA B 173 44.47 -11.67 28.21
C ALA B 173 44.62 -13.15 27.84
N GLU B 174 43.87 -14.02 28.51
CA GLU B 174 43.94 -15.46 28.28
C GLU B 174 43.28 -15.84 26.97
N GLY B 175 42.62 -14.88 26.34
CA GLY B 175 42.01 -15.08 25.04
C GLY B 175 40.53 -15.37 25.08
N GLU B 176 39.88 -15.12 26.21
CA GLU B 176 38.45 -15.39 26.28
C GLU B 176 37.64 -14.30 25.61
N GLU B 177 36.84 -14.70 24.62
CA GLU B 177 35.94 -13.80 23.95
C GLU B 177 34.78 -13.42 24.87
N LYS B 178 34.51 -12.12 24.92
CA LYS B 178 33.40 -11.57 25.68
C LYS B 178 32.65 -10.63 24.76
N PRO B 179 31.46 -11.05 24.31
CA PRO B 179 30.64 -10.21 23.43
C PRO B 179 30.40 -8.85 24.06
N PHE B 180 30.25 -7.84 23.21
CA PHE B 180 29.92 -6.51 23.69
C PHE B 180 29.38 -5.67 22.55
N ILE B 181 28.57 -4.68 22.91
CA ILE B 181 28.03 -3.72 21.96
C ILE B 181 28.43 -2.38 22.54
N SER B 182 29.13 -1.55 21.76
CA SER B 182 29.84 -0.42 22.34
C SER B 182 28.91 0.73 22.76
N GLY B 183 27.85 0.95 21.99
CA GLY B 183 26.96 2.07 22.29
C GLY B 183 27.65 3.42 22.04
N TYR B 184 27.00 4.50 22.45
CA TYR B 184 27.54 5.85 22.24
C TYR B 184 27.42 6.68 23.51
N SER B 185 28.32 7.63 23.68
CA SER B 185 28.34 8.45 24.89
C SER B 185 27.27 9.54 24.84
N ASN B 186 26.84 9.90 23.62
CA ASN B 186 25.92 11.03 23.46
C ASN B 186 24.52 10.59 23.07
N SER B 187 23.52 11.18 23.72
CA SER B 187 22.13 10.88 23.41
C SER B 187 21.59 11.86 22.36
N ARG B 188 22.39 12.88 22.06
CA ARG B 188 22.07 13.82 20.98
C ARG B 188 23.24 13.98 20.01
N LEU B 189 22.93 14.15 18.73
CA LEU B 189 23.95 14.35 17.71
C LEU B 189 24.15 15.83 17.47
N PRO B 190 25.36 16.24 17.08
CA PRO B 190 25.54 17.63 16.64
C PRO B 190 24.71 17.88 15.39
N ASN B 191 23.99 18.99 15.36
CA ASN B 191 23.31 19.41 14.14
C ASN B 191 24.31 20.12 13.24
N ILE B 192 24.84 19.39 12.27
CA ILE B 192 25.84 19.93 11.36
C ILE B 192 25.20 20.46 10.07
N TRP B 193 23.88 20.69 10.11
CA TRP B 193 23.15 20.94 8.87
C TRP B 193 22.48 22.31 8.78
N ASP B 194 22.51 23.09 9.85
CA ASP B 194 21.85 24.40 9.82
C ASP B 194 22.77 25.46 9.23
N LEU B 195 22.79 25.55 7.90
CA LEU B 195 23.72 26.41 7.18
C LEU B 195 23.36 27.88 7.29
N SER B 196 22.14 28.17 7.76
CA SER B 196 21.72 29.55 7.98
C SER B 196 22.39 30.14 9.22
N LYS B 197 23.18 29.31 9.90
CA LYS B 197 23.92 29.75 11.06
C LYS B 197 25.43 29.68 10.80
N GLU B 198 25.82 30.00 9.56
CA GLU B 198 27.24 30.11 9.19
C GLU B 198 27.47 31.37 8.36
N ILE C 4 -21.84 4.96 -24.72
CA ILE C 4 -21.67 4.40 -23.39
C ILE C 4 -20.96 3.04 -23.52
N LEU C 5 -20.70 2.40 -22.38
CA LEU C 5 -19.80 1.25 -22.29
C LEU C 5 -20.27 -0.02 -22.99
N ARG C 6 -19.34 -0.66 -23.68
CA ARG C 6 -19.62 -1.92 -24.38
C ARG C 6 -19.55 -3.12 -23.44
N LEU C 7 -20.39 -3.12 -22.40
CA LEU C 7 -20.34 -4.16 -21.37
C LEU C 7 -20.73 -5.55 -21.89
N ASP C 8 -21.32 -5.59 -23.07
CA ASP C 8 -21.54 -6.86 -23.77
C ASP C 8 -20.23 -7.65 -23.98
N ARG C 9 -19.12 -6.95 -24.16
CA ARG C 9 -17.82 -7.61 -24.28
C ARG C 9 -17.51 -8.44 -23.04
N LEU C 10 -17.77 -7.86 -21.88
CA LEU C 10 -17.46 -8.52 -20.62
C LEU C 10 -18.39 -9.69 -20.36
N ARG C 11 -19.67 -9.52 -20.65
CA ARG C 11 -20.64 -10.62 -20.55
C ARG C 11 -20.25 -11.76 -21.48
N GLN C 12 -19.88 -11.43 -22.71
CA GLN C 12 -19.42 -12.42 -23.68
C GLN C 12 -18.21 -13.19 -23.13
N PHE C 13 -17.20 -12.45 -22.66
CA PHE C 13 -16.00 -13.09 -22.13
C PHE C 13 -16.32 -14.04 -20.98
N ILE C 14 -17.12 -13.55 -20.04
CA ILE C 14 -17.48 -14.32 -18.84
C ILE C 14 -18.27 -15.57 -19.23
N GLY C 15 -19.19 -15.43 -20.18
CA GLY C 15 -19.93 -16.58 -20.70
C GLY C 15 -19.04 -17.63 -21.34
N GLU C 16 -18.21 -17.21 -22.30
CA GLU C 16 -17.33 -18.13 -23.01
C GLU C 16 -16.30 -18.78 -22.07
N LEU C 17 -15.80 -18.02 -21.11
CA LEU C 17 -14.84 -18.58 -20.16
C LEU C 17 -15.48 -19.66 -19.28
N ALA C 18 -16.69 -19.39 -18.80
CA ALA C 18 -17.42 -20.37 -18.00
C ALA C 18 -17.74 -21.62 -18.81
N THR C 19 -18.14 -21.41 -20.08
CA THR C 19 -18.46 -22.50 -20.98
C THR C 19 -17.22 -23.37 -21.24
N LEU C 20 -16.07 -22.72 -21.40
CA LEU C 20 -14.81 -23.43 -21.54
C LEU C 20 -14.54 -24.28 -20.31
N LEU C 21 -14.72 -23.69 -19.13
CA LEU C 21 -14.41 -24.39 -17.88
C LEU C 21 -15.39 -25.52 -17.57
N ASP C 22 -16.54 -25.51 -18.24
CA ASP C 22 -17.55 -26.56 -18.04
C ASP C 22 -17.05 -27.91 -18.54
N SER C 23 -16.18 -27.91 -19.55
CA SER C 23 -15.65 -29.15 -20.11
C SER C 23 -14.54 -29.74 -19.24
N ARG C 24 -14.28 -29.11 -18.10
CA ARG C 24 -13.26 -29.55 -17.14
C ARG C 24 -11.90 -29.82 -17.79
N PRO C 25 -11.29 -28.79 -18.39
CA PRO C 25 -10.00 -29.00 -19.06
C PRO C 25 -8.83 -28.97 -18.09
N ASP C 26 -7.67 -29.51 -18.50
CA ASP C 26 -6.48 -29.34 -17.69
C ASP C 26 -6.00 -27.90 -17.83
N GLU C 27 -5.08 -27.49 -16.97
CA GLU C 27 -4.60 -26.11 -16.98
C GLU C 27 -4.01 -25.68 -18.32
N SER C 28 -3.21 -26.56 -18.93
CA SER C 28 -2.59 -26.28 -20.22
C SER C 28 -3.63 -25.90 -21.26
N THR C 29 -4.67 -26.72 -21.36
CA THR C 29 -5.74 -26.47 -22.30
C THR C 29 -6.47 -25.17 -21.96
N LEU C 30 -6.76 -25.00 -20.68
CA LEU C 30 -7.52 -23.82 -20.24
C LEU C 30 -6.80 -22.51 -20.56
N LEU C 31 -5.55 -22.39 -20.16
CA LEU C 31 -4.78 -21.18 -20.45
C LEU C 31 -4.69 -20.91 -21.95
N ALA C 32 -4.38 -21.94 -22.72
CA ALA C 32 -4.23 -21.79 -24.16
C ALA C 32 -5.53 -21.35 -24.82
N GLN C 33 -6.66 -21.80 -24.28
CA GLN C 33 -7.94 -21.48 -24.88
C GLN C 33 -8.54 -20.18 -24.31
N ALA C 34 -8.20 -19.87 -23.05
CA ALA C 34 -8.69 -18.63 -22.43
C ALA C 34 -7.86 -17.41 -22.86
N HIS C 35 -6.61 -17.65 -23.27
CA HIS C 35 -5.73 -16.57 -23.72
C HIS C 35 -6.37 -15.68 -24.80
N PRO C 36 -6.82 -16.26 -25.94
CA PRO C 36 -7.41 -15.35 -26.94
C PRO C 36 -8.77 -14.74 -26.53
N LEU C 37 -9.50 -15.42 -25.66
CA LEU C 37 -10.74 -14.86 -25.10
C LEU C 37 -10.48 -13.55 -24.36
N LEU C 38 -9.51 -13.57 -23.46
CA LEU C 38 -9.11 -12.36 -22.74
C LEU C 38 -8.52 -11.31 -23.69
N ALA C 39 -7.75 -11.77 -24.66
CA ALA C 39 -7.15 -10.88 -25.66
C ALA C 39 -8.23 -10.07 -26.36
N GLU C 40 -9.31 -10.75 -26.74
CA GLU C 40 -10.44 -10.10 -27.35
C GLU C 40 -11.01 -9.03 -26.43
N LEU C 41 -11.17 -9.37 -25.16
CA LEU C 41 -11.72 -8.45 -24.16
C LEU C 41 -10.89 -7.16 -24.04
N VAL C 42 -9.57 -7.31 -24.01
CA VAL C 42 -8.69 -6.14 -23.85
C VAL C 42 -8.21 -5.57 -25.19
N HIS C 43 -8.74 -6.05 -26.30
CA HIS C 43 -8.27 -5.59 -27.61
C HIS C 43 -8.63 -4.13 -27.84
N GLN C 44 -9.78 -3.74 -27.31
CA GLN C 44 -10.26 -2.37 -27.43
C GLN C 44 -10.72 -1.91 -26.05
N ASP C 45 -10.45 -0.65 -25.74
CA ASP C 45 -10.67 -0.11 -24.39
C ASP C 45 -11.96 0.70 -24.35
N ASP C 46 -13.12 0.03 -24.47
CA ASP C 46 -14.37 0.79 -24.52
C ASP C 46 -15.48 0.27 -23.60
N TRP C 47 -15.11 -0.48 -22.57
CA TRP C 47 -16.12 -1.16 -21.75
C TRP C 47 -15.94 -1.03 -20.23
N LEU C 48 -14.73 -0.73 -19.76
CA LEU C 48 -14.48 -0.67 -18.30
C LEU C 48 -15.20 0.52 -17.63
N PRO C 49 -16.08 0.24 -16.65
CA PRO C 49 -16.75 1.31 -15.91
C PRO C 49 -15.75 2.24 -15.23
N GLU C 50 -16.05 3.54 -15.22
CA GLU C 50 -15.14 4.54 -14.66
C GLU C 50 -14.77 4.26 -13.20
N ASP C 51 -15.74 3.78 -12.42
CA ASP C 51 -15.54 3.38 -11.02
C ASP C 51 -14.44 2.36 -10.85
N CYS C 52 -14.28 1.53 -11.87
CA CYS C 52 -13.34 0.42 -11.79
C CYS C 52 -12.03 0.78 -12.48
N ALA C 53 -11.84 2.08 -12.73
CA ALA C 53 -10.63 2.56 -13.39
C ALA C 53 -9.90 3.63 -12.58
N ARG C 54 -10.38 3.93 -11.38
CA ARG C 54 -9.85 5.08 -10.65
C ARG C 54 -8.61 4.71 -9.86
N PRO C 55 -7.51 5.44 -10.07
CA PRO C 55 -6.29 5.27 -9.28
C PRO C 55 -6.47 5.88 -7.89
N ASP C 56 -5.73 5.34 -6.93
CA ASP C 56 -5.69 5.88 -5.58
C ASP C 56 -4.26 6.38 -5.28
N PRO C 57 -4.15 7.53 -4.59
CA PRO C 57 -2.84 8.12 -4.31
C PRO C 57 -1.91 7.29 -3.40
N GLN C 58 -2.42 6.27 -2.71
CA GLN C 58 -1.56 5.55 -1.76
C GLN C 58 -1.08 4.18 -2.25
N ARG C 59 -1.96 3.46 -2.94
CA ARG C 59 -1.68 2.09 -3.30
C ARG C 59 -2.37 1.77 -4.64
N TYR C 60 -1.86 0.78 -5.37
CA TYR C 60 -2.57 0.29 -6.54
C TYR C 60 -3.90 -0.28 -6.07
N GLN C 61 -4.90 -0.28 -6.95
CA GLN C 61 -6.26 -0.68 -6.61
C GLN C 61 -6.69 -1.96 -7.32
N GLN C 62 -7.60 -2.71 -6.68
CA GLN C 62 -8.07 -3.97 -7.23
C GLN C 62 -9.60 -3.99 -7.23
N TYR C 63 -10.21 -3.78 -8.40
CA TYR C 63 -11.66 -3.73 -8.52
C TYR C 63 -12.23 -5.04 -9.04
N LEU C 64 -12.92 -5.76 -8.14
CA LEU C 64 -13.62 -6.98 -8.51
C LEU C 64 -14.72 -6.65 -9.53
N LEU C 65 -14.72 -7.38 -10.65
CA LEU C 65 -15.72 -7.15 -11.70
C LEU C 65 -16.76 -8.27 -11.70
N HIS C 66 -16.32 -9.48 -11.39
CA HIS C 66 -17.17 -10.65 -11.48
C HIS C 66 -16.54 -11.86 -10.83
N VAL C 67 -17.39 -12.66 -10.18
CA VAL C 67 -16.99 -13.97 -9.66
C VAL C 67 -17.95 -15.03 -10.17
N ASP C 68 -17.38 -16.13 -10.65
CA ASP C 68 -18.16 -17.29 -11.10
C ASP C 68 -18.97 -17.89 -9.94
N SER C 69 -20.19 -18.32 -10.23
CA SER C 69 -21.08 -18.89 -9.19
C SER C 69 -20.38 -19.93 -8.29
N ARG C 70 -19.56 -20.77 -8.89
CA ARG C 70 -18.86 -21.79 -8.11
C ARG C 70 -17.41 -21.41 -7.85
N GLN C 71 -17.10 -20.13 -8.02
CA GLN C 71 -15.76 -19.60 -7.75
C GLN C 71 -14.65 -20.28 -8.57
N ARG C 72 -14.98 -20.69 -9.79
CA ARG C 72 -13.99 -21.27 -10.68
C ARG C 72 -13.10 -20.17 -11.27
N PHE C 73 -13.61 -18.94 -11.30
CA PHE C 73 -12.78 -17.80 -11.66
C PHE C 73 -13.33 -16.47 -11.14
N SER C 74 -12.43 -15.50 -11.04
CA SER C 74 -12.79 -14.11 -10.80
C SER C 74 -12.13 -13.22 -11.84
N VAL C 75 -12.71 -12.06 -12.08
CA VAL C 75 -12.20 -11.10 -13.04
C VAL C 75 -12.01 -9.79 -12.30
N VAL C 76 -10.79 -9.25 -12.34
CA VAL C 76 -10.45 -8.09 -11.54
C VAL C 76 -9.79 -7.01 -12.42
N SER C 77 -10.17 -5.76 -12.18
CA SER C 77 -9.48 -4.64 -12.78
C SER C 77 -8.42 -4.11 -11.81
N PHE C 78 -7.15 -4.31 -12.17
CA PHE C 78 -5.99 -3.78 -11.43
C PHE C 78 -5.57 -2.40 -11.94
N VAL C 79 -5.62 -1.40 -11.07
CA VAL C 79 -5.38 -0.02 -11.49
C VAL C 79 -4.14 0.59 -10.83
N TRP C 80 -3.16 0.97 -11.66
CA TRP C 80 -1.90 1.56 -11.20
C TRP C 80 -1.90 3.05 -11.47
N GLY C 81 -1.87 3.86 -10.41
CA GLY C 81 -1.66 5.28 -10.58
C GLY C 81 -0.22 5.41 -11.02
N PRO C 82 0.20 6.63 -11.39
CA PRO C 82 1.56 6.88 -11.91
C PRO C 82 2.64 6.32 -10.97
N GLY C 83 3.60 5.57 -11.53
CA GLY C 83 4.76 5.12 -10.79
C GLY C 83 4.53 4.14 -9.64
N GLN C 84 3.33 3.56 -9.55
CA GLN C 84 3.01 2.62 -8.46
C GLN C 84 3.43 1.18 -8.75
N ILE C 85 3.52 0.38 -7.69
CA ILE C 85 4.09 -0.98 -7.78
C ILE C 85 3.46 -1.93 -6.74
N THR C 86 3.49 -3.23 -7.01
CA THR C 86 3.08 -4.24 -6.04
C THR C 86 4.24 -4.72 -5.19
N PRO C 87 3.94 -5.45 -4.11
CA PRO C 87 4.99 -6.24 -3.46
C PRO C 87 5.31 -7.46 -4.31
N VAL C 88 6.41 -8.15 -4.00
CA VAL C 88 6.69 -9.46 -4.59
C VAL C 88 5.68 -10.46 -4.03
N HIS C 89 5.09 -11.29 -4.88
CA HIS C 89 3.96 -12.11 -4.43
C HIS C 89 3.63 -13.25 -5.38
N ASP C 90 2.81 -14.19 -4.90
CA ASP C 90 2.36 -15.28 -5.75
C ASP C 90 0.83 -15.29 -5.90
N HIS C 91 0.29 -16.39 -6.43
CA HIS C 91 -1.14 -16.46 -6.76
C HIS C 91 -1.77 -17.74 -6.29
N ARG C 92 -1.09 -18.85 -6.58
CA ARG C 92 -1.45 -20.21 -6.15
C ARG C 92 -2.62 -20.80 -6.94
N VAL C 93 -3.09 -20.07 -7.93
CA VAL C 93 -4.07 -20.59 -8.88
C VAL C 93 -3.61 -20.17 -10.27
N TRP C 94 -4.23 -20.69 -11.33
CA TRP C 94 -3.88 -20.20 -12.65
C TRP C 94 -4.24 -18.72 -12.72
N CYS C 95 -3.56 -18.00 -13.60
N CYS C 95 -3.51 -17.99 -13.56
CA CYS C 95 -3.64 -16.55 -13.62
CA CYS C 95 -3.68 -16.55 -13.63
C CYS C 95 -3.40 -15.97 -15.01
C CYS C 95 -3.44 -16.03 -15.04
N LEU C 96 -4.36 -15.19 -15.49
CA LEU C 96 -4.23 -14.55 -16.80
C LEU C 96 -4.30 -13.04 -16.63
N ILE C 97 -3.36 -12.35 -17.28
CA ILE C 97 -3.27 -10.91 -17.19
C ILE C 97 -3.32 -10.29 -18.58
N GLY C 98 -4.32 -9.43 -18.80
CA GLY C 98 -4.48 -8.76 -20.08
C GLY C 98 -4.36 -7.25 -19.95
N MET C 99 -3.39 -6.66 -20.64
CA MET C 99 -3.15 -5.23 -20.49
C MET C 99 -4.22 -4.43 -21.24
N LEU C 100 -4.75 -3.40 -20.59
CA LEU C 100 -5.87 -2.66 -21.17
C LEU C 100 -5.45 -1.25 -21.61
N ARG C 101 -4.90 -0.48 -20.67
CA ARG C 101 -4.33 0.82 -21.03
C ARG C 101 -3.02 1.07 -20.27
N GLY C 102 -2.20 1.96 -20.80
CA GLY C 102 -0.87 2.18 -20.26
C GLY C 102 -0.02 0.94 -20.49
N ALA C 103 0.86 0.66 -19.55
CA ALA C 103 1.75 -0.50 -19.65
C ALA C 103 2.26 -0.83 -18.27
N GLU C 104 2.70 -2.07 -18.07
CA GLU C 104 3.27 -2.47 -16.80
C GLU C 104 4.49 -3.32 -17.06
N TYR C 105 5.42 -3.28 -16.11
CA TYR C 105 6.58 -4.17 -16.13
C TYR C 105 6.38 -5.30 -15.13
N SER C 106 6.83 -6.49 -15.50
CA SER C 106 6.74 -7.64 -14.63
C SER C 106 8.11 -8.31 -14.46
N GLN C 107 8.55 -8.43 -13.21
CA GLN C 107 9.79 -9.12 -12.86
C GLN C 107 9.51 -10.51 -12.31
N PRO C 108 9.78 -11.55 -13.11
CA PRO C 108 9.68 -12.96 -12.68
C PRO C 108 10.66 -13.28 -11.55
N TYR C 109 10.26 -14.15 -10.61
CA TYR C 109 11.13 -14.61 -9.53
C TYR C 109 11.23 -16.13 -9.50
N ALA C 110 12.28 -16.62 -8.84
CA ALA C 110 12.47 -18.06 -8.63
C ALA C 110 13.04 -18.31 -7.24
N PHE C 111 12.81 -19.50 -6.71
CA PHE C 111 13.20 -19.81 -5.34
C PHE C 111 14.60 -20.43 -5.21
N ASP C 112 15.20 -20.28 -4.02
CA ASP C 112 16.47 -20.91 -3.68
C ASP C 112 16.33 -22.42 -3.57
N ALA C 113 17.43 -23.08 -3.24
CA ALA C 113 17.37 -24.44 -2.75
C ALA C 113 16.57 -24.39 -1.45
N GLY C 114 16.81 -23.33 -0.68
CA GLY C 114 16.01 -23.00 0.49
C GLY C 114 14.67 -22.43 0.08
N GLY C 115 14.11 -21.61 0.94
CA GLY C 115 12.82 -21.02 0.66
C GLY C 115 12.78 -19.60 0.11
N ARG C 116 13.92 -18.94 -0.04
CA ARG C 116 13.94 -17.55 -0.50
C ARG C 116 13.67 -17.38 -1.98
N PRO C 117 12.96 -16.34 -2.38
CA PRO C 117 12.85 -16.02 -3.80
C PRO C 117 13.80 -14.92 -4.26
N HIS C 118 14.27 -15.04 -5.50
CA HIS C 118 15.16 -14.05 -6.10
C HIS C 118 14.70 -13.70 -7.51
N PRO C 119 15.02 -12.48 -7.98
CA PRO C 119 14.73 -12.12 -9.36
C PRO C 119 15.44 -13.04 -10.35
N SER C 120 14.72 -13.54 -11.34
CA SER C 120 15.35 -14.36 -12.36
C SER C 120 14.78 -14.03 -13.73
N GLY C 121 15.66 -13.63 -14.64
CA GLY C 121 15.26 -13.22 -15.97
C GLY C 121 15.06 -11.72 -16.05
N ALA C 122 15.09 -11.18 -17.26
CA ALA C 122 14.85 -9.77 -17.46
C ALA C 122 13.38 -9.43 -17.22
N ARG C 123 13.09 -8.21 -16.80
CA ARG C 123 11.72 -7.81 -16.60
C ARG C 123 11.03 -7.67 -17.96
N ARG C 124 9.74 -8.00 -17.98
CA ARG C 124 8.95 -8.04 -19.20
C ARG C 124 7.97 -6.87 -19.23
N ARG C 125 7.84 -6.23 -20.39
CA ARG C 125 6.89 -5.14 -20.55
C ARG C 125 5.62 -5.69 -21.20
N LEU C 126 4.48 -5.39 -20.61
CA LEU C 126 3.20 -5.83 -21.15
C LEU C 126 2.48 -4.66 -21.78
N GLU C 127 2.15 -4.78 -23.06
CA GLU C 127 1.55 -3.69 -23.82
C GLU C 127 0.04 -3.89 -23.94
N PRO C 128 -0.70 -2.80 -24.17
CA PRO C 128 -2.17 -2.92 -24.37
C PRO C 128 -2.53 -3.94 -25.42
N GLY C 129 -3.44 -4.85 -25.09
CA GLY C 129 -3.86 -5.89 -26.02
C GLY C 129 -3.16 -7.21 -25.79
N GLU C 130 -2.06 -7.18 -25.04
CA GLU C 130 -1.25 -8.36 -24.79
C GLU C 130 -1.69 -9.14 -23.55
N VAL C 131 -1.53 -10.45 -23.60
CA VAL C 131 -1.91 -11.32 -22.50
C VAL C 131 -0.76 -12.20 -22.05
N GLU C 132 -0.51 -12.26 -20.74
CA GLU C 132 0.48 -13.18 -20.19
C GLU C 132 -0.16 -14.11 -19.17
N ALA C 133 0.46 -15.27 -18.93
CA ALA C 133 -0.08 -16.26 -18.01
C ALA C 133 0.90 -16.64 -16.90
N LEU C 134 0.40 -16.73 -15.66
CA LEU C 134 1.18 -17.26 -14.54
C LEU C 134 0.41 -18.35 -13.79
N SER C 135 1.15 -19.23 -13.12
CA SER C 135 0.56 -20.34 -12.37
C SER C 135 1.67 -21.08 -11.64
N PRO C 136 1.33 -21.75 -10.52
CA PRO C 136 2.32 -22.52 -9.74
C PRO C 136 3.22 -23.44 -10.58
N ARG C 137 2.68 -24.02 -11.65
CA ARG C 137 3.46 -24.95 -12.47
C ARG C 137 4.30 -24.26 -13.56
N ILE C 138 3.92 -23.05 -13.95
CA ILE C 138 4.64 -22.34 -15.01
C ILE C 138 5.44 -21.14 -14.52
N GLY C 139 5.39 -20.87 -13.21
CA GLY C 139 6.02 -19.68 -12.65
C GLY C 139 4.98 -18.75 -12.03
N ASP C 140 5.01 -18.65 -10.70
CA ASP C 140 3.90 -18.02 -9.97
C ASP C 140 4.26 -16.70 -9.29
N VAL C 141 5.55 -16.50 -8.99
CA VAL C 141 5.98 -15.33 -8.22
C VAL C 141 6.45 -14.19 -9.11
N HIS C 142 6.02 -12.96 -8.81
CA HIS C 142 6.57 -11.79 -9.50
C HIS C 142 6.26 -10.47 -8.79
N GLN C 143 6.83 -9.39 -9.33
CA GLN C 143 6.48 -8.05 -8.89
C GLN C 143 6.09 -7.25 -10.11
N VAL C 144 5.03 -6.46 -10.00
CA VAL C 144 4.53 -5.68 -11.13
C VAL C 144 4.55 -4.20 -10.82
N SER C 145 5.02 -3.41 -11.78
CA SER C 145 4.98 -1.97 -11.64
C SER C 145 4.36 -1.31 -12.87
N ASN C 146 3.81 -0.13 -12.65
CA ASN C 146 3.39 0.74 -13.72
C ASN C 146 4.61 1.14 -14.54
N ALA C 147 4.53 0.97 -15.85
CA ALA C 147 5.65 1.27 -16.72
C ALA C 147 5.78 2.79 -16.89
N PHE C 148 4.71 3.49 -16.54
CA PHE C 148 4.66 4.95 -16.69
C PHE C 148 4.65 5.67 -15.36
N SER C 149 5.17 6.89 -15.35
CA SER C 149 5.12 7.73 -14.16
C SER C 149 4.26 8.96 -14.39
N ASP C 150 3.58 9.00 -15.54
CA ASP C 150 2.76 10.17 -15.90
C ASP C 150 1.32 9.81 -16.27
N ARG C 151 0.92 8.56 -16.07
CA ARG C 151 -0.42 8.14 -16.41
C ARG C 151 -0.83 6.88 -15.66
N THR C 152 -2.13 6.63 -15.66
CA THR C 152 -2.68 5.43 -15.05
C THR C 152 -2.56 4.26 -16.01
N SER C 153 -2.12 3.11 -15.50
CA SER C 153 -2.13 1.91 -16.32
C SER C 153 -3.09 0.91 -15.71
N ILE C 154 -3.76 0.15 -16.56
CA ILE C 154 -4.78 -0.80 -16.10
C ILE C 154 -4.63 -2.13 -16.81
N SER C 155 -4.67 -3.21 -16.04
CA SER C 155 -4.72 -4.53 -16.64
C SER C 155 -5.89 -5.30 -16.04
N ILE C 156 -6.39 -6.26 -16.82
CA ILE C 156 -7.55 -7.04 -16.41
C ILE C 156 -7.09 -8.44 -16.05
N HIS C 157 -7.27 -8.81 -14.78
CA HIS C 157 -6.79 -10.11 -14.30
C HIS C 157 -7.89 -11.16 -14.16
N VAL C 158 -7.54 -12.41 -14.50
CA VAL C 158 -8.47 -13.51 -14.39
C VAL C 158 -7.77 -14.62 -13.63
N TYR C 159 -8.32 -14.99 -12.47
N TYR C 159 -8.30 -14.96 -12.46
CA TYR C 159 -7.70 -16.00 -11.62
CA TYR C 159 -7.71 -16.01 -11.63
C TYR C 159 -8.62 -17.18 -11.35
C TYR C 159 -8.60 -17.23 -11.61
N GLY C 160 -8.04 -18.36 -11.23
CA GLY C 160 -8.83 -19.57 -11.05
C GLY C 160 -9.36 -19.76 -9.64
N ALA C 161 -9.81 -18.65 -9.05
CA ALA C 161 -10.51 -18.68 -7.78
C ALA C 161 -11.09 -17.29 -7.49
N ASN C 162 -11.71 -17.17 -6.33
CA ASN C 162 -12.07 -15.88 -5.79
C ASN C 162 -10.83 -15.24 -5.19
N ILE C 163 -10.01 -14.60 -6.04
CA ILE C 163 -8.61 -14.26 -5.70
C ILE C 163 -8.46 -13.45 -4.41
N GLY C 164 -9.40 -12.56 -4.13
CA GLY C 164 -9.34 -11.72 -2.95
C GLY C 164 -9.42 -12.48 -1.64
N ALA C 165 -9.86 -13.73 -1.69
CA ALA C 165 -9.98 -14.56 -0.50
C ALA C 165 -8.98 -15.71 -0.49
N VAL C 166 -8.15 -15.80 -1.52
CA VAL C 166 -7.15 -16.86 -1.63
C VAL C 166 -6.03 -16.62 -0.63
N ARG C 167 -5.62 -17.69 0.05
CA ARG C 167 -4.49 -17.63 0.97
C ARG C 167 -3.21 -17.78 0.17
N ARG C 168 -2.45 -16.70 0.03
CA ARG C 168 -1.22 -16.76 -0.75
C ARG C 168 -0.11 -16.02 -0.01
N ALA C 169 0.90 -15.54 -0.73
CA ALA C 169 2.11 -15.02 -0.07
C ALA C 169 2.65 -13.75 -0.69
N VAL C 170 3.23 -12.90 0.17
CA VAL C 170 4.06 -11.80 -0.26
C VAL C 170 5.48 -12.03 0.24
N PHE C 171 6.46 -11.47 -0.46
CA PHE C 171 7.84 -11.59 -0.04
C PHE C 171 8.49 -10.21 0.09
N SER C 172 9.13 -9.97 1.22
CA SER C 172 9.81 -8.71 1.47
C SER C 172 11.07 -8.62 0.62
N ALA C 173 11.71 -7.45 0.63
CA ALA C 173 12.96 -7.24 -0.10
C ALA C 173 14.01 -8.23 0.37
N GLU C 174 14.11 -8.38 1.69
CA GLU C 174 15.05 -9.32 2.32
C GLU C 174 14.69 -10.77 2.03
N GLY C 175 13.49 -11.01 1.50
CA GLY C 175 13.10 -12.31 1.01
C GLY C 175 12.27 -13.19 1.94
N GLU C 176 11.84 -12.65 3.08
CA GLU C 176 11.09 -13.47 4.02
C GLU C 176 9.59 -13.47 3.69
N GLU C 177 8.97 -14.64 3.82
CA GLU C 177 7.61 -14.86 3.40
C GLU C 177 6.57 -14.42 4.42
N LYS C 178 5.54 -13.71 3.95
CA LYS C 178 4.44 -13.26 4.78
C LYS C 178 3.10 -13.63 4.14
N PRO C 179 2.10 -13.99 4.97
CA PRO C 179 0.81 -14.42 4.44
C PRO C 179 0.03 -13.25 3.84
N PHE C 180 -0.50 -13.48 2.65
CA PHE C 180 -1.14 -12.42 1.87
C PHE C 180 -2.61 -12.73 1.58
N ILE C 181 -3.49 -11.81 1.92
CA ILE C 181 -4.88 -11.87 1.47
C ILE C 181 -5.28 -10.48 0.95
N SER C 182 -5.49 -10.40 -0.35
CA SER C 182 -5.53 -9.09 -1.02
C SER C 182 -6.87 -8.34 -0.83
N GLY C 183 -7.95 -9.08 -0.64
CA GLY C 183 -9.28 -8.47 -0.54
C GLY C 183 -9.64 -7.70 -1.81
N TYR C 184 -10.59 -6.78 -1.68
CA TYR C 184 -11.00 -5.99 -2.84
C TYR C 184 -11.15 -4.52 -2.46
N SER C 185 -10.79 -3.64 -3.39
CA SER C 185 -10.90 -2.21 -3.16
C SER C 185 -12.36 -1.76 -3.14
N ASN C 186 -13.22 -2.47 -3.86
CA ASN C 186 -14.63 -2.07 -3.98
C ASN C 186 -15.59 -2.94 -3.17
N SER C 187 -16.42 -2.27 -2.37
CA SER C 187 -17.48 -2.91 -1.59
C SER C 187 -18.72 -3.17 -2.44
N ARG C 188 -18.73 -2.60 -3.64
CA ARG C 188 -19.81 -2.78 -4.60
C ARG C 188 -19.27 -3.17 -5.98
N LEU C 189 -19.95 -4.09 -6.65
CA LEU C 189 -19.55 -4.50 -7.99
C LEU C 189 -20.26 -3.67 -9.05
N PRO C 190 -19.66 -3.52 -10.23
CA PRO C 190 -20.47 -2.89 -11.28
C PRO C 190 -21.60 -3.82 -11.68
N ASN C 191 -22.79 -3.28 -11.89
CA ASN C 191 -23.86 -4.05 -12.50
C ASN C 191 -23.63 -4.08 -14.00
N ILE C 192 -23.22 -5.24 -14.52
CA ILE C 192 -22.96 -5.38 -15.94
C ILE C 192 -24.08 -6.12 -16.65
N TRP C 193 -25.25 -6.19 -16.00
CA TRP C 193 -26.34 -7.03 -16.49
C TRP C 193 -27.62 -6.28 -16.87
N ASP C 194 -27.65 -4.96 -16.72
CA ASP C 194 -28.86 -4.25 -17.11
C ASP C 194 -28.77 -3.73 -18.55
N LEU C 195 -29.08 -4.60 -19.49
CA LEU C 195 -28.89 -4.30 -20.92
C LEU C 195 -29.65 -3.05 -21.35
N SER C 196 -30.85 -2.85 -20.81
CA SER C 196 -31.67 -1.72 -21.21
C SER C 196 -31.04 -0.37 -20.85
N LYS C 197 -29.93 -0.37 -20.12
CA LYS C 197 -29.26 0.89 -19.78
C LYS C 197 -28.13 1.20 -20.77
N GLU C 198 -27.74 0.20 -21.55
CA GLU C 198 -26.68 0.35 -22.54
C GLU C 198 -27.19 0.90 -23.87
N ASN C 199 -26.25 1.24 -24.76
CA ASN C 199 -26.57 1.60 -26.12
C ASN C 199 -27.31 0.46 -26.81
N PRO C 200 -28.57 0.71 -27.21
CA PRO C 200 -29.42 -0.30 -27.87
C PRO C 200 -28.72 -0.98 -29.05
N ALA C 201 -27.95 -0.20 -29.81
CA ALA C 201 -27.24 -0.69 -30.98
C ALA C 201 -26.33 -1.90 -30.72
N SER C 202 -25.83 -2.04 -29.49
CA SER C 202 -24.85 -3.08 -29.19
C SER C 202 -25.24 -4.02 -28.04
N ALA C 203 -26.19 -3.60 -27.21
CA ALA C 203 -26.46 -4.29 -25.95
C ALA C 203 -27.05 -5.69 -26.16
N TRP C 204 -27.89 -5.85 -27.18
CA TRP C 204 -28.58 -7.12 -27.42
C TRP C 204 -27.90 -8.00 -28.48
N SER D 3 -20.22 -6.84 7.90
CA SER D 3 -19.46 -7.40 9.01
C SER D 3 -20.22 -8.56 9.64
N ILE D 4 -21.39 -8.28 10.18
CA ILE D 4 -22.20 -9.31 10.82
C ILE D 4 -23.16 -9.98 9.83
N LEU D 5 -23.21 -9.48 8.59
CA LEU D 5 -24.02 -10.12 7.55
C LEU D 5 -23.48 -11.50 7.22
N ARG D 6 -24.37 -12.48 7.27
CA ARG D 6 -24.00 -13.85 6.96
C ARG D 6 -24.00 -14.10 5.46
N LEU D 7 -23.13 -13.39 4.74
CA LEU D 7 -23.07 -13.50 3.28
C LEU D 7 -22.66 -14.88 2.81
N ASP D 8 -22.10 -15.68 3.71
CA ASP D 8 -21.78 -17.07 3.37
C ASP D 8 -23.01 -17.87 2.95
N ARG D 9 -24.18 -17.52 3.49
CA ARG D 9 -25.41 -18.23 3.11
C ARG D 9 -25.70 -18.05 1.62
N LEU D 10 -25.49 -16.82 1.14
CA LEU D 10 -25.74 -16.48 -0.25
C LEU D 10 -24.71 -17.15 -1.17
N ARG D 11 -23.43 -17.08 -0.79
CA ARG D 11 -22.37 -17.72 -1.56
C ARG D 11 -22.66 -19.22 -1.65
N GLN D 12 -23.05 -19.80 -0.54
CA GLN D 12 -23.40 -21.22 -0.51
C GLN D 12 -24.55 -21.56 -1.44
N PHE D 13 -25.63 -20.79 -1.37
CA PHE D 13 -26.78 -21.01 -2.23
C PHE D 13 -26.40 -20.94 -3.71
N ILE D 14 -25.69 -19.88 -4.06
CA ILE D 14 -25.26 -19.65 -5.43
C ILE D 14 -24.39 -20.80 -5.99
N GLY D 15 -23.50 -21.34 -5.16
CA GLY D 15 -22.67 -22.46 -5.57
C GLY D 15 -23.45 -23.77 -5.71
N GLU D 16 -24.32 -24.04 -4.73
CA GLU D 16 -25.12 -25.26 -4.75
C GLU D 16 -26.11 -25.28 -5.91
N LEU D 17 -26.65 -24.11 -6.24
CA LEU D 17 -27.57 -23.98 -7.35
C LEU D 17 -26.85 -24.23 -8.68
N ALA D 18 -25.67 -23.64 -8.83
CA ALA D 18 -24.89 -23.82 -10.06
C ALA D 18 -24.48 -25.27 -10.24
N THR D 19 -24.09 -25.91 -9.13
CA THR D 19 -23.79 -27.35 -9.10
C THR D 19 -25.00 -28.19 -9.52
N LEU D 20 -26.16 -27.87 -8.99
CA LEU D 20 -27.40 -28.52 -9.40
C LEU D 20 -27.62 -28.36 -10.91
N LEU D 21 -27.39 -27.16 -11.41
CA LEU D 21 -27.61 -26.88 -12.83
C LEU D 21 -26.56 -27.53 -13.73
N ASP D 22 -25.41 -27.86 -13.14
CA ASP D 22 -24.33 -28.52 -13.86
C ASP D 22 -24.73 -29.91 -14.35
N SER D 23 -25.67 -30.54 -13.66
CA SER D 23 -26.12 -31.89 -14.00
C SER D 23 -27.13 -31.88 -15.14
N ARG D 24 -27.48 -30.68 -15.57
CA ARG D 24 -28.50 -30.46 -16.62
C ARG D 24 -29.81 -31.20 -16.32
N PRO D 25 -30.42 -30.94 -15.16
CA PRO D 25 -31.68 -31.63 -14.87
C PRO D 25 -32.82 -31.08 -15.71
N ASP D 26 -33.95 -31.77 -15.80
CA ASP D 26 -35.11 -31.19 -16.46
C ASP D 26 -35.77 -30.22 -15.47
N GLU D 27 -36.73 -29.42 -15.94
CA GLU D 27 -37.28 -28.36 -15.10
C GLU D 27 -37.87 -28.90 -13.81
N SER D 28 -38.57 -30.02 -13.93
CA SER D 28 -39.23 -30.65 -12.79
C SER D 28 -38.23 -31.00 -11.69
N THR D 29 -37.11 -31.61 -12.08
CA THR D 29 -36.06 -31.98 -11.13
C THR D 29 -35.36 -30.74 -10.57
N LEU D 30 -35.17 -29.74 -11.43
CA LEU D 30 -34.51 -28.50 -11.05
C LEU D 30 -35.27 -27.81 -9.92
N LEU D 31 -36.59 -27.63 -10.13
CA LEU D 31 -37.42 -26.90 -9.19
C LEU D 31 -37.51 -27.66 -7.87
N ALA D 32 -37.68 -28.97 -7.97
CA ALA D 32 -37.79 -29.82 -6.80
C ALA D 32 -36.52 -29.73 -5.95
N GLN D 33 -35.37 -29.75 -6.63
CA GLN D 33 -34.08 -29.74 -5.95
C GLN D 33 -33.67 -28.36 -5.46
N ALA D 34 -34.02 -27.32 -6.20
CA ALA D 34 -33.61 -25.97 -5.82
C ALA D 34 -34.52 -25.41 -4.72
N HIS D 35 -35.72 -25.96 -4.60
CA HIS D 35 -36.69 -25.48 -3.63
C HIS D 35 -36.13 -25.45 -2.20
N PRO D 36 -35.61 -26.60 -1.70
CA PRO D 36 -35.06 -26.52 -0.34
C PRO D 36 -33.79 -25.67 -0.24
N LEU D 37 -33.09 -25.47 -1.35
CA LEU D 37 -31.89 -24.63 -1.32
C LEU D 37 -32.29 -23.18 -1.03
N LEU D 38 -33.31 -22.69 -1.71
CA LEU D 38 -33.79 -21.32 -1.50
C LEU D 38 -34.42 -21.14 -0.12
N ALA D 39 -35.21 -22.13 0.29
CA ALA D 39 -35.85 -22.13 1.61
C ALA D 39 -34.81 -21.97 2.71
N GLU D 40 -33.68 -22.64 2.56
CA GLU D 40 -32.59 -22.54 3.53
C GLU D 40 -32.08 -21.11 3.60
N LEU D 41 -31.89 -20.50 2.44
CA LEU D 41 -31.41 -19.13 2.34
C LEU D 41 -32.35 -18.14 3.02
N VAL D 42 -33.65 -18.31 2.82
CA VAL D 42 -34.62 -17.38 3.38
C VAL D 42 -35.17 -17.85 4.74
N HIS D 43 -34.60 -18.92 5.28
CA HIS D 43 -35.01 -19.38 6.60
C HIS D 43 -34.63 -18.40 7.70
N GLN D 44 -33.48 -17.72 7.53
CA GLN D 44 -33.12 -16.66 8.46
C GLN D 44 -32.80 -15.37 7.71
N ASP D 45 -33.20 -14.24 8.31
CA ASP D 45 -33.02 -12.92 7.74
C ASP D 45 -31.80 -12.22 8.38
N ASP D 46 -30.59 -12.71 8.09
CA ASP D 46 -29.39 -12.17 8.71
C ASP D 46 -28.24 -11.91 7.70
N TRP D 47 -28.58 -11.76 6.43
CA TRP D 47 -27.55 -11.69 5.39
C TRP D 47 -27.74 -10.58 4.34
N LEU D 48 -28.98 -10.13 4.14
CA LEU D 48 -29.27 -9.18 3.06
C LEU D 48 -28.67 -7.79 3.32
N PRO D 49 -27.82 -7.31 2.41
CA PRO D 49 -27.27 -5.96 2.56
C PRO D 49 -28.38 -4.92 2.58
N GLU D 50 -28.27 -3.95 3.49
CA GLU D 50 -29.35 -3.00 3.69
C GLU D 50 -29.57 -2.19 2.41
N ASP D 51 -28.51 -2.05 1.62
CA ASP D 51 -28.58 -1.43 0.30
C ASP D 51 -29.59 -2.10 -0.62
N CYS D 52 -29.74 -3.40 -0.45
CA CYS D 52 -30.64 -4.18 -1.28
C CYS D 52 -31.97 -4.47 -0.55
N ALA D 53 -32.26 -3.66 0.47
CA ALA D 53 -33.47 -3.86 1.27
C ALA D 53 -34.29 -2.59 1.37
N ARG D 54 -33.91 -1.58 0.60
CA ARG D 54 -34.44 -0.22 0.74
C ARG D 54 -35.68 -0.01 -0.12
N PRO D 55 -36.80 0.37 0.51
CA PRO D 55 -38.02 0.61 -0.27
C PRO D 55 -37.93 1.94 -1.02
N ASP D 56 -38.76 2.07 -2.05
CA ASP D 56 -38.87 3.32 -2.80
C ASP D 56 -40.33 3.76 -2.83
N PRO D 57 -40.59 5.04 -2.55
CA PRO D 57 -41.94 5.60 -2.42
C PRO D 57 -42.83 5.42 -3.64
N GLN D 58 -42.27 5.32 -4.84
CA GLN D 58 -43.14 5.28 -6.00
C GLN D 58 -43.05 4.02 -6.86
N ARG D 59 -42.24 3.05 -6.47
CA ARG D 59 -42.25 1.75 -7.13
C ARG D 59 -41.55 0.68 -6.29
N TYR D 60 -41.95 -0.58 -6.47
CA TYR D 60 -41.23 -1.66 -5.83
C TYR D 60 -39.85 -1.74 -6.46
N GLN D 61 -38.85 -2.14 -5.68
CA GLN D 61 -37.47 -2.17 -6.15
C GLN D 61 -37.03 -3.59 -6.48
N GLN D 62 -36.11 -3.71 -7.43
CA GLN D 62 -35.55 -5.00 -7.79
C GLN D 62 -34.03 -4.89 -7.77
N TYR D 63 -33.43 -5.40 -6.70
CA TYR D 63 -31.99 -5.28 -6.50
C TYR D 63 -31.31 -6.56 -6.90
N LEU D 64 -30.59 -6.52 -8.02
CA LEU D 64 -29.86 -7.69 -8.47
C LEU D 64 -28.77 -8.04 -7.48
N LEU D 65 -28.69 -9.31 -7.10
CA LEU D 65 -27.68 -9.77 -6.16
C LEU D 65 -26.56 -10.55 -6.87
N HIS D 66 -26.94 -11.35 -7.87
CA HIS D 66 -25.96 -12.20 -8.54
C HIS D 66 -26.48 -12.76 -9.86
N VAL D 67 -25.59 -12.85 -10.85
CA VAL D 67 -25.89 -13.51 -12.11
C VAL D 67 -24.84 -14.57 -12.39
N ASP D 68 -25.30 -15.78 -12.72
CA ASP D 68 -24.42 -16.87 -13.11
C ASP D 68 -23.65 -16.50 -14.38
N SER D 69 -22.38 -16.92 -14.45
CA SER D 69 -21.49 -16.57 -15.55
C SER D 69 -22.11 -16.87 -16.92
N ARG D 70 -22.76 -18.03 -17.02
CA ARG D 70 -23.42 -18.44 -18.25
C ARG D 70 -24.89 -18.02 -18.28
N GLN D 71 -25.27 -17.19 -17.30
CA GLN D 71 -26.63 -16.64 -17.23
C GLN D 71 -27.68 -17.74 -17.12
N ARG D 72 -27.33 -18.82 -16.46
CA ARG D 72 -28.28 -19.91 -16.22
C ARG D 72 -29.24 -19.56 -15.09
N PHE D 73 -28.84 -18.63 -14.21
CA PHE D 73 -29.76 -18.07 -13.22
C PHE D 73 -29.37 -16.66 -12.76
N SER D 74 -30.31 -15.96 -12.11
CA SER D 74 -30.00 -14.70 -11.45
C SER D 74 -30.71 -14.64 -10.09
N VAL D 75 -30.15 -13.90 -9.15
CA VAL D 75 -30.72 -13.79 -7.81
C VAL D 75 -31.04 -12.33 -7.48
N VAL D 76 -32.32 -12.06 -7.22
CA VAL D 76 -32.80 -10.70 -7.10
C VAL D 76 -33.58 -10.53 -5.79
N SER D 77 -33.26 -9.48 -5.05
CA SER D 77 -34.05 -9.07 -3.91
C SER D 77 -35.17 -8.10 -4.33
N PHE D 78 -36.41 -8.55 -4.20
CA PHE D 78 -37.57 -7.71 -4.51
C PHE D 78 -38.07 -7.02 -3.23
N VAL D 79 -38.06 -5.69 -3.22
CA VAL D 79 -38.43 -4.94 -2.03
C VAL D 79 -39.76 -4.19 -2.24
N TRP D 80 -40.76 -4.54 -1.44
CA TRP D 80 -42.08 -3.92 -1.52
C TRP D 80 -42.25 -2.86 -0.43
N GLY D 81 -42.40 -1.59 -0.80
CA GLY D 81 -42.77 -0.57 0.17
C GLY D 81 -44.23 -0.83 0.54
N PRO D 82 -44.76 -0.14 1.56
CA PRO D 82 -46.14 -0.32 2.02
C PRO D 82 -47.18 -0.37 0.89
N GLY D 83 -47.92 -1.47 0.85
CA GLY D 83 -49.02 -1.62 -0.09
C GLY D 83 -48.69 -1.63 -1.57
N GLN D 84 -47.42 -1.84 -1.94
CA GLN D 84 -47.06 -1.79 -3.35
C GLN D 84 -47.35 -3.12 -4.08
N ILE D 85 -47.48 -3.02 -5.40
CA ILE D 85 -48.01 -4.12 -6.21
C ILE D 85 -47.36 -4.17 -7.60
N THR D 86 -47.18 -5.37 -8.13
CA THR D 86 -46.72 -5.53 -9.50
C THR D 86 -47.86 -5.38 -10.50
N PRO D 87 -47.53 -5.15 -11.78
CA PRO D 87 -48.55 -5.40 -12.79
C PRO D 87 -48.75 -6.91 -12.97
N VAL D 88 -49.80 -7.33 -13.67
CA VAL D 88 -49.92 -8.73 -14.11
C VAL D 88 -48.84 -8.97 -15.17
N HIS D 89 -48.20 -10.12 -15.13
CA HIS D 89 -47.02 -10.35 -15.94
C HIS D 89 -46.58 -11.81 -15.89
N ASP D 90 -45.76 -12.22 -16.86
CA ASP D 90 -45.16 -13.56 -16.84
C ASP D 90 -43.66 -13.50 -16.58
N HIS D 91 -42.96 -14.60 -16.84
CA HIS D 91 -41.52 -14.69 -16.62
C HIS D 91 -40.78 -15.31 -17.79
N ARG D 92 -41.45 -16.25 -18.46
CA ARG D 92 -40.92 -16.96 -19.63
C ARG D 92 -39.76 -17.91 -19.32
N VAL D 93 -39.35 -18.00 -18.05
CA VAL D 93 -38.33 -18.97 -17.63
C VAL D 93 -38.74 -19.50 -16.26
N TRP D 94 -38.09 -20.57 -15.79
CA TRP D 94 -38.37 -21.06 -14.44
C TRP D 94 -38.08 -19.98 -13.39
N CYS D 95 -38.81 -20.05 -12.27
N CYS D 95 -38.85 -20.02 -12.31
CA CYS D 95 -38.89 -18.93 -11.33
CA CYS D 95 -38.83 -18.95 -11.32
C CYS D 95 -39.19 -19.39 -9.90
C CYS D 95 -39.12 -19.49 -9.93
N LEU D 96 -38.29 -19.08 -8.97
CA LEU D 96 -38.48 -19.44 -7.57
C LEU D 96 -38.53 -18.19 -6.70
N ILE D 97 -39.52 -18.13 -5.82
CA ILE D 97 -39.70 -16.98 -4.94
C ILE D 97 -39.66 -17.40 -3.48
N GLY D 98 -38.78 -16.80 -2.70
CA GLY D 98 -38.67 -17.13 -1.29
C GLY D 98 -38.90 -15.91 -0.43
N MET D 99 -39.89 -15.96 0.45
CA MET D 99 -40.21 -14.82 1.28
C MET D 99 -39.16 -14.65 2.37
N LEU D 100 -38.71 -13.41 2.54
CA LEU D 100 -37.66 -13.10 3.50
C LEU D 100 -38.26 -12.42 4.73
N ARG D 101 -38.96 -11.31 4.51
CA ARG D 101 -39.60 -10.57 5.61
C ARG D 101 -40.89 -9.89 5.13
N GLY D 102 -41.79 -9.62 6.07
CA GLY D 102 -43.13 -9.16 5.72
C GLY D 102 -43.83 -10.32 5.05
N ALA D 103 -44.65 -10.04 4.03
CA ALA D 103 -45.39 -11.08 3.31
C ALA D 103 -45.96 -10.52 2.02
N GLU D 104 -46.27 -11.39 1.06
CA GLU D 104 -46.87 -10.92 -0.18
C GLU D 104 -48.08 -11.73 -0.64
N TYR D 105 -49.07 -11.05 -1.23
CA TYR D 105 -50.19 -11.75 -1.87
C TYR D 105 -49.87 -12.02 -3.33
N SER D 106 -50.29 -13.19 -3.81
CA SER D 106 -50.05 -13.62 -5.18
C SER D 106 -51.36 -14.13 -5.81
N GLN D 107 -51.81 -13.50 -6.89
CA GLN D 107 -52.96 -14.00 -7.63
C GLN D 107 -52.55 -14.59 -8.97
N PRO D 108 -52.59 -15.93 -9.10
CA PRO D 108 -52.25 -16.59 -10.35
C PRO D 108 -53.29 -16.31 -11.44
N TYR D 109 -52.88 -16.39 -12.70
CA TYR D 109 -53.77 -16.17 -13.84
C TYR D 109 -53.71 -17.35 -14.83
N ALA D 110 -54.77 -17.51 -15.62
CA ALA D 110 -54.76 -18.44 -16.74
C ALA D 110 -55.39 -17.81 -17.97
N PHE D 111 -55.03 -18.34 -19.13
CA PHE D 111 -55.42 -17.73 -20.39
C PHE D 111 -56.76 -18.24 -20.95
N ASP D 112 -57.39 -17.38 -21.74
CA ASP D 112 -58.60 -17.71 -22.51
C ASP D 112 -58.35 -18.78 -23.56
N ALA D 113 -59.42 -19.14 -24.27
CA ALA D 113 -59.29 -19.81 -25.55
C ALA D 113 -58.58 -18.84 -26.48
N GLY D 114 -58.93 -17.57 -26.35
CA GLY D 114 -58.21 -16.50 -27.01
C GLY D 114 -56.89 -16.24 -26.32
N GLY D 115 -56.43 -15.00 -26.40
CA GLY D 115 -55.16 -14.58 -25.83
C GLY D 115 -55.17 -13.76 -24.55
N ARG D 116 -56.34 -13.59 -23.92
CA ARG D 116 -56.47 -12.72 -22.76
C ARG D 116 -56.40 -13.50 -21.44
N PRO D 117 -55.60 -13.02 -20.49
CA PRO D 117 -55.39 -13.77 -19.25
C PRO D 117 -56.49 -13.53 -18.20
N HIS D 118 -56.73 -14.55 -17.40
CA HIS D 118 -57.80 -14.52 -16.40
C HIS D 118 -57.33 -15.05 -15.06
N PRO D 119 -57.74 -14.38 -13.96
CA PRO D 119 -57.48 -14.86 -12.60
C PRO D 119 -57.93 -16.30 -12.41
N SER D 120 -56.99 -17.16 -12.02
CA SER D 120 -57.25 -18.58 -11.88
C SER D 120 -56.90 -19.06 -10.47
N GLY D 121 -57.91 -19.42 -9.69
CA GLY D 121 -57.70 -19.95 -8.36
C GLY D 121 -57.74 -18.90 -7.26
N ALA D 122 -57.52 -19.35 -6.03
CA ALA D 122 -57.54 -18.47 -4.87
C ALA D 122 -56.24 -17.70 -4.71
N ARG D 123 -56.36 -16.43 -4.34
CA ARG D 123 -55.21 -15.61 -4.01
C ARG D 123 -54.36 -16.31 -2.93
N ARG D 124 -53.05 -16.34 -3.15
CA ARG D 124 -52.10 -17.00 -2.25
C ARG D 124 -51.37 -15.98 -1.38
N ARG D 125 -50.91 -16.40 -0.21
CA ARG D 125 -50.13 -15.52 0.65
C ARG D 125 -48.84 -16.23 1.00
N LEU D 126 -47.71 -15.58 0.72
CA LEU D 126 -46.41 -16.19 1.00
C LEU D 126 -45.84 -15.57 2.28
N GLU D 127 -45.54 -16.43 3.25
CA GLU D 127 -45.00 -16.01 4.54
C GLU D 127 -43.50 -16.27 4.61
N PRO D 128 -42.77 -15.55 5.50
CA PRO D 128 -41.31 -15.71 5.59
C PRO D 128 -40.86 -17.16 5.72
N GLY D 129 -39.87 -17.55 4.92
CA GLY D 129 -39.35 -18.91 4.94
C GLY D 129 -39.93 -19.80 3.86
N GLU D 130 -41.04 -19.36 3.27
CA GLU D 130 -41.76 -20.17 2.28
C GLU D 130 -41.28 -19.90 0.86
N VAL D 131 -41.26 -20.94 0.04
CA VAL D 131 -40.84 -20.83 -1.35
C VAL D 131 -41.96 -21.29 -2.30
N GLU D 132 -42.22 -20.53 -3.36
CA GLU D 132 -43.15 -20.98 -4.40
C GLU D 132 -42.45 -21.03 -5.77
N ALA D 133 -43.14 -21.55 -6.78
CA ALA D 133 -42.53 -21.71 -8.10
C ALA D 133 -43.46 -21.34 -9.25
N LEU D 134 -42.88 -20.79 -10.31
CA LEU D 134 -43.62 -20.54 -11.54
C LEU D 134 -42.75 -20.88 -12.75
N SER D 135 -43.39 -21.03 -13.91
CA SER D 135 -42.72 -21.32 -15.20
C SER D 135 -43.81 -21.42 -16.27
N PRO D 136 -43.44 -21.30 -17.56
CA PRO D 136 -44.43 -21.47 -18.61
C PRO D 136 -45.15 -22.82 -18.55
N ARG D 137 -44.46 -23.84 -18.05
CA ARG D 137 -45.03 -25.18 -17.97
C ARG D 137 -46.05 -25.32 -16.85
N ILE D 138 -45.72 -24.84 -15.65
CA ILE D 138 -46.57 -25.07 -14.49
C ILE D 138 -47.51 -23.90 -14.17
N GLY D 139 -47.36 -22.79 -14.89
CA GLY D 139 -48.12 -21.60 -14.59
C GLY D 139 -47.19 -20.42 -14.40
N ASP D 140 -47.28 -19.45 -15.31
CA ASP D 140 -46.25 -18.43 -15.41
C ASP D 140 -46.75 -17.02 -15.12
N VAL D 141 -48.07 -16.82 -15.13
CA VAL D 141 -48.62 -15.48 -15.00
C VAL D 141 -49.22 -15.21 -13.62
N HIS D 142 -48.80 -14.12 -12.98
CA HIS D 142 -49.44 -13.69 -11.74
C HIS D 142 -49.33 -12.20 -11.47
N GLN D 143 -49.94 -11.77 -10.37
CA GLN D 143 -49.78 -10.42 -9.87
C GLN D 143 -49.45 -10.51 -8.39
N VAL D 144 -48.46 -9.74 -7.95
CA VAL D 144 -47.98 -9.83 -6.57
C VAL D 144 -48.08 -8.47 -5.91
N SER D 145 -48.50 -8.46 -4.64
CA SER D 145 -48.59 -7.23 -3.86
C SER D 145 -48.03 -7.45 -2.47
N ASN D 146 -47.58 -6.36 -1.85
CA ASN D 146 -47.26 -6.38 -0.44
C ASN D 146 -48.51 -6.74 0.38
N ALA D 147 -48.39 -7.75 1.23
CA ALA D 147 -49.50 -8.16 2.08
C ALA D 147 -49.78 -7.10 3.14
N PHE D 148 -48.82 -6.20 3.34
CA PHE D 148 -48.91 -5.16 4.34
C PHE D 148 -48.98 -3.76 3.74
N SER D 149 -49.76 -2.90 4.36
CA SER D 149 -49.85 -1.51 3.93
C SER D 149 -49.06 -0.61 4.88
N ASP D 150 -48.38 -1.20 5.84
CA ASP D 150 -47.71 -0.40 6.87
C ASP D 150 -46.24 -0.76 7.08
N ARG D 151 -45.69 -1.60 6.21
CA ARG D 151 -44.31 -2.03 6.39
C ARG D 151 -43.72 -2.58 5.09
N THR D 152 -42.39 -2.67 5.08
CA THR D 152 -41.66 -3.19 3.93
C THR D 152 -41.62 -4.71 3.93
N SER D 153 -41.93 -5.30 2.78
CA SER D 153 -41.84 -6.76 2.58
C SER D 153 -40.75 -7.05 1.56
N ILE D 154 -40.07 -8.16 1.73
CA ILE D 154 -38.99 -8.53 0.83
C ILE D 154 -39.05 -10.00 0.48
N SER D 155 -38.97 -10.32 -0.82
CA SER D 155 -38.78 -11.69 -1.24
C SER D 155 -37.55 -11.82 -2.14
N ILE D 156 -36.95 -13.00 -2.13
CA ILE D 156 -35.75 -13.29 -2.90
C ILE D 156 -36.13 -14.15 -4.09
N HIS D 157 -35.92 -13.62 -5.29
CA HIS D 157 -36.32 -14.37 -6.48
C HIS D 157 -35.10 -14.97 -7.17
N VAL D 158 -35.27 -16.20 -7.63
CA VAL D 158 -34.25 -16.87 -8.45
C VAL D 158 -34.92 -17.25 -9.78
N TYR D 159 -34.30 -16.86 -10.89
N TYR D 159 -34.33 -16.83 -10.89
CA TYR D 159 -34.86 -17.07 -12.23
CA TYR D 159 -34.88 -17.15 -12.19
C TYR D 159 -33.86 -17.68 -13.20
C TYR D 159 -33.92 -18.05 -12.96
N GLY D 160 -34.36 -18.51 -14.12
CA GLY D 160 -33.49 -19.25 -15.03
C GLY D 160 -32.92 -18.44 -16.18
N ALA D 161 -32.63 -17.17 -15.93
CA ALA D 161 -31.97 -16.29 -16.89
C ALA D 161 -31.53 -15.01 -16.20
N ASN D 162 -30.97 -14.08 -16.96
CA ASN D 162 -30.71 -12.73 -16.46
C ASN D 162 -32.01 -11.98 -16.54
N ILE D 163 -32.82 -12.11 -15.49
CA ILE D 163 -34.23 -11.75 -15.56
C ILE D 163 -34.47 -10.32 -16.05
N GLY D 164 -33.63 -9.39 -15.61
CA GLY D 164 -33.81 -7.98 -15.93
C GLY D 164 -33.68 -7.66 -17.41
N ALA D 165 -33.12 -8.62 -18.16
CA ALA D 165 -32.96 -8.45 -19.60
C ALA D 165 -33.93 -9.33 -20.41
N VAL D 166 -34.63 -10.24 -19.73
CA VAL D 166 -35.57 -11.14 -20.41
C VAL D 166 -36.74 -10.37 -21.01
N ARG D 167 -36.96 -10.56 -22.32
CA ARG D 167 -38.14 -10.01 -22.98
C ARG D 167 -39.39 -10.84 -22.63
N ARG D 168 -40.26 -10.26 -21.81
CA ARG D 168 -41.47 -10.96 -21.39
C ARG D 168 -42.66 -10.02 -21.54
N ALA D 169 -43.73 -10.26 -20.77
CA ALA D 169 -44.95 -9.51 -20.97
C ALA D 169 -45.62 -9.06 -19.68
N VAL D 170 -46.24 -7.88 -19.72
CA VAL D 170 -47.25 -7.51 -18.74
C VAL D 170 -48.61 -7.50 -19.43
N PHE D 171 -49.68 -7.65 -18.66
CA PHE D 171 -51.01 -7.66 -19.27
C PHE D 171 -51.90 -6.59 -18.65
N SER D 172 -52.58 -5.84 -19.51
CA SER D 172 -53.45 -4.77 -19.05
C SER D 172 -54.69 -5.34 -18.37
N ALA D 173 -55.43 -4.48 -17.67
CA ALA D 173 -56.67 -4.88 -17.02
C ALA D 173 -57.61 -5.50 -18.04
N GLU D 174 -57.57 -4.94 -19.25
CA GLU D 174 -58.34 -5.41 -20.37
C GLU D 174 -57.86 -6.78 -20.87
N GLY D 175 -56.56 -7.04 -20.74
CA GLY D 175 -55.98 -8.31 -21.17
C GLY D 175 -55.00 -8.16 -22.32
N GLU D 176 -54.73 -6.93 -22.71
CA GLU D 176 -53.79 -6.64 -23.79
C GLU D 176 -52.35 -6.94 -23.37
N GLU D 177 -51.64 -7.71 -24.20
CA GLU D 177 -50.27 -8.12 -23.88
C GLU D 177 -49.24 -7.09 -24.34
N LYS D 178 -48.46 -6.59 -23.39
CA LYS D 178 -47.46 -5.54 -23.67
C LYS D 178 -46.03 -6.01 -23.35
N PRO D 179 -45.05 -5.57 -24.15
CA PRO D 179 -43.66 -6.00 -23.93
C PRO D 179 -43.12 -5.51 -22.59
N PHE D 180 -42.48 -6.41 -21.86
CA PHE D 180 -41.99 -6.13 -20.51
C PHE D 180 -40.52 -6.47 -20.38
N ILE D 181 -39.74 -5.49 -19.95
CA ILE D 181 -38.33 -5.70 -19.60
C ILE D 181 -38.11 -4.97 -18.27
N SER D 182 -37.85 -5.72 -17.21
CA SER D 182 -37.94 -5.16 -15.87
C SER D 182 -36.72 -4.31 -15.49
N GLY D 183 -35.54 -4.68 -15.99
CA GLY D 183 -34.33 -3.95 -15.65
C GLY D 183 -33.96 -4.20 -14.20
N TYR D 184 -33.17 -3.31 -13.61
CA TYR D 184 -32.77 -3.46 -12.21
C TYR D 184 -32.70 -2.08 -11.56
N SER D 185 -32.96 -2.02 -10.25
CA SER D 185 -32.96 -0.75 -9.55
C SER D 185 -31.55 -0.28 -9.22
N ASN D 186 -30.60 -1.22 -9.15
CA ASN D 186 -29.23 -0.90 -8.73
C ASN D 186 -28.23 -0.93 -9.91
N SER D 187 -27.46 0.14 -10.05
CA SER D 187 -26.35 0.16 -11.02
C SER D 187 -25.09 -0.50 -10.43
N ARG D 188 -25.16 -0.89 -9.16
CA ARG D 188 -24.06 -1.59 -8.52
C ARG D 188 -24.56 -2.77 -7.71
N LEU D 189 -23.82 -3.87 -7.77
CA LEU D 189 -24.16 -5.08 -7.02
C LEU D 189 -23.42 -5.06 -5.70
N PRO D 190 -23.97 -5.74 -4.67
CA PRO D 190 -23.18 -5.87 -3.45
C PRO D 190 -21.96 -6.77 -3.69
N ASN D 191 -20.80 -6.41 -3.16
CA ASN D 191 -19.66 -7.31 -3.24
C ASN D 191 -19.77 -8.32 -2.12
N ILE D 192 -20.14 -9.55 -2.48
CA ILE D 192 -20.33 -10.59 -1.49
C ILE D 192 -19.13 -11.54 -1.43
N TRP D 193 -17.99 -11.10 -1.95
CA TRP D 193 -16.85 -12.00 -2.14
C TRP D 193 -15.60 -11.64 -1.32
N ASP D 194 -15.66 -10.55 -0.56
CA ASP D 194 -14.51 -10.17 0.27
C ASP D 194 -14.60 -10.81 1.66
N LEU D 195 -14.28 -12.11 1.71
CA LEU D 195 -14.55 -12.93 2.89
C LEU D 195 -13.81 -12.46 4.13
N SER D 196 -12.63 -11.88 3.93
CA SER D 196 -11.79 -11.46 5.06
C SER D 196 -12.45 -10.35 5.88
N LYS D 197 -13.50 -9.75 5.36
CA LYS D 197 -14.19 -8.68 6.10
C LYS D 197 -15.34 -9.20 6.95
N GLU D 198 -15.65 -10.49 6.85
CA GLU D 198 -16.77 -11.06 7.60
C GLU D 198 -16.30 -11.72 8.89
N ASN D 199 -17.26 -12.25 9.67
CA ASN D 199 -16.95 -13.04 10.86
C ASN D 199 -16.37 -14.36 10.42
N PRO D 200 -15.10 -14.61 10.79
CA PRO D 200 -14.38 -15.81 10.35
C PRO D 200 -14.91 -17.12 10.97
N ALA D 201 -15.85 -17.02 11.90
CA ALA D 201 -16.49 -18.21 12.45
C ALA D 201 -17.46 -18.81 11.43
N SER D 202 -17.94 -17.98 10.49
CA SER D 202 -18.90 -18.41 9.49
C SER D 202 -18.45 -18.16 8.04
N ALA D 203 -17.63 -17.13 7.83
CA ALA D 203 -17.31 -16.67 6.47
C ALA D 203 -16.75 -17.76 5.57
N TRP D 204 -16.00 -18.69 6.16
CA TRP D 204 -15.26 -19.68 5.39
C TRP D 204 -15.93 -21.06 5.40
N SER D 205 -16.98 -21.21 6.20
CA SER D 205 -17.69 -22.48 6.31
C SER D 205 -18.28 -22.91 4.97
FE FE2 E . 5.38 24.04 3.38
FE FE2 F . 39.11 -0.11 17.69
FE FE2 G . 0.24 -10.76 -9.58
FE FE2 H . -43.40 -12.33 -11.04
#